data_3EJS
#
_entry.id   3EJS
#
_cell.length_a   69.343
_cell.length_b   110.425
_cell.length_c   139.857
_cell.angle_alpha   90.000
_cell.angle_beta   90.000
_cell.angle_gamma   90.000
#
_symmetry.space_group_name_H-M   'P 21 21 21'
#
loop_
_entity.id
_entity.type
_entity.pdbx_description
1 polymer 'Alpha-mannosidase 2'
2 non-polymer 2-acetamido-2-deoxy-beta-D-glucopyranose
3 non-polymer 'ZINC ION'
4 non-polymer (4R)-2-METHYLPENTANE-2,4-DIOL
5 non-polymer (1S,2R,5S,8R,8aR)-5-[2-(4-tert-butylphenyl)ethyl]octahydroindolizine-1,2,8-triol
6 water water
#
_entity_poly.entity_id   1
_entity_poly.type   'polypeptide(L)'
_entity_poly.pdbx_seq_one_letter_code
;RSSHHHHHHGEFDDPIRPPLKVARSPRPGQCQDVVQDVPNVDVQMLELYDRMSFKDIDGGVWKQGWNIKYDPLKYNAHHK
LKVFVVPHSHNDPGWIQTFEEYYQHDTKHILSNALRHLHDNPEMKFIWAEISYFARFYHDLGENKKLQMKSIVKNGQLEF
VTGGWVMPDEANSHWRNVLLQLTEGQTWLKQFMNVTPTASWAIDPFGHSPTMPYILQKSGFKNMLIQRTHYSVKKELAQQ
RQLEFLWRQIWDNKGDTALFTHMMPFYSYDIPHTCGPDPKVCCQFDFKRMGSFGLSCPWKVPPRTISDQNVAARSDLLVD
QWKKKAELYRTNVLLIPLGDDFRFKQNTEWDVQRVNYERLFEHINSQAHFNVQAQFGTLQEYFDAVHQAERAGQAEFPTL
SGDFFTYADRSDNYWSGYYTSRPYHKRMDRVLMHYVRAAEMLSAWHSWDGMARIEERLEQARRELSLFQHHDGITGTAKT
HVVVDYEQRMQEALKACQMVMQQSVYRLLTKPSIYSPDFSFSYFTLDDSRWPGSGVEDSRTTIILGEDILPSKHVVMHNT
LPHWREQLVDFYVSSPFVSVTDLANNPVEAQVSPVWSWHHDTLTKTIHPQGSTTKYRIIFKARVPPMGLATYVLTISDSK
PEHTSYASNLLLRKNPTSLPLGQYPEDVKFGDPREISLRVGNGPTLAFSEQGLLKSIQLTQDSPHVPVHFKFLKYGVRSH
GDRSGAYLFLPNGPASPVELGQPVVLVTKGKLESSVSVGLPSVVHQTIMRGGAPEIRNLVDIGSLDNTEIVMRLETHIDS
GDIFYTDLNGLQFIKRRRLDKLPLQANYYPIPSGMFIEDANTRLTLLTGQPLGGSSLASGELEIMQDRRLASDDERGLGQ
GVLDNKPVLHIYRLVLEKVNNCVRPSKLHPAGYLTSAAHKASQSLLDPLDKFIFAENEWIGAQGQFGGDHPSAREDLDVS
VMRRLTKSSAKTQRVGYVLHRTNLMQCGTPEEHTQKLDVCHLLPNVARCERTTLTFLQNLEHLDGMVAPEVCPMETAAYV
SSHSS
;
_entity_poly.pdbx_strand_id   A
#
loop_
_chem_comp.id
_chem_comp.type
_chem_comp.name
_chem_comp.formula
HN5 non-polymer (1S,2R,5S,8R,8aR)-5-[2-(4-tert-butylphenyl)ethyl]octahydroindolizine-1,2,8-triol 'C20 H31 N O3'
MRD non-polymer (4R)-2-METHYLPENTANE-2,4-DIOL 'C6 H14 O2'
NAG D-saccharide, beta linking 2-acetamido-2-deoxy-beta-D-glucopyranose 'C8 H15 N O6'
ZN non-polymer 'ZINC ION' 'Zn 2'
#
# COMPACT_ATOMS: atom_id res chain seq x y z
N GLN A 30 23.93 14.97 -15.17
CA GLN A 30 23.80 13.54 -14.78
C GLN A 30 22.35 13.22 -14.41
N CYS A 31 21.90 13.64 -13.22
CA CYS A 31 20.51 13.39 -12.81
C CYS A 31 19.56 14.24 -13.62
N GLN A 32 18.45 13.65 -14.08
CA GLN A 32 17.31 14.38 -14.64
C GLN A 32 16.75 15.35 -13.63
N ASP A 33 16.31 16.51 -14.12
CA ASP A 33 15.60 17.48 -13.32
C ASP A 33 14.11 17.11 -13.30
N VAL A 34 13.58 16.75 -12.14
CA VAL A 34 12.21 16.23 -12.01
C VAL A 34 11.19 17.32 -11.73
N VAL A 35 11.67 18.57 -11.65
CA VAL A 35 10.81 19.71 -11.32
C VAL A 35 10.52 20.67 -12.50
N GLN A 36 11.56 20.99 -13.28
CA GLN A 36 11.54 22.17 -14.17
C GLN A 36 11.28 21.90 -15.65
N ASP A 37 11.33 20.63 -16.06
CA ASP A 37 11.11 20.22 -17.46
C ASP A 37 9.82 19.37 -17.58
N VAL A 38 8.77 19.94 -18.17
CA VAL A 38 7.50 19.19 -18.37
C VAL A 38 7.66 18.14 -19.51
N PRO A 39 7.51 16.83 -19.20
CA PRO A 39 7.65 15.82 -20.28
C PRO A 39 6.69 16.00 -21.44
N ASN A 40 7.20 15.73 -22.63
CA ASN A 40 6.38 15.74 -23.83
C ASN A 40 5.91 14.32 -24.12
N VAL A 41 4.62 14.03 -23.87
CA VAL A 41 4.02 12.69 -24.09
C VAL A 41 2.81 12.77 -24.99
N ASP A 42 2.46 11.67 -25.67
CA ASP A 42 1.28 11.68 -26.53
C ASP A 42 -0.04 11.73 -25.78
N VAL A 43 -0.09 11.00 -24.65
CA VAL A 43 -1.27 10.98 -23.77
C VAL A 43 -0.82 11.33 -22.34
N GLN A 44 -1.39 12.38 -21.77
CA GLN A 44 -1.15 12.74 -20.38
C GLN A 44 -2.52 12.69 -19.68
N MET A 45 -2.67 11.80 -18.70
CA MET A 45 -4.02 11.47 -18.23
C MET A 45 -4.80 12.64 -17.60
N LEU A 46 -4.10 13.55 -16.93
CA LEU A 46 -4.78 14.75 -16.38
C LEU A 46 -5.35 15.62 -17.52
N GLU A 47 -4.56 15.77 -18.59
CA GLU A 47 -5.00 16.59 -19.71
C GLU A 47 -6.14 15.88 -20.42
N LEU A 48 -6.03 14.56 -20.60
CA LEU A 48 -7.12 13.77 -21.21
C LEU A 48 -8.43 13.92 -20.43
N TYR A 49 -8.34 13.78 -19.11
CA TYR A 49 -9.51 14.01 -18.23
C TYR A 49 -10.18 15.40 -18.41
N ASP A 50 -9.35 16.43 -18.55
CA ASP A 50 -9.88 17.79 -18.74
C ASP A 50 -10.73 17.91 -20.02
N ARG A 51 -10.32 17.22 -21.09
CA ARG A 51 -10.96 17.28 -22.43
C ARG A 51 -12.14 16.32 -22.62
N MET A 52 -12.08 15.14 -22.02
CA MET A 52 -13.12 14.11 -22.18
C MET A 52 -14.49 14.51 -21.64
N SER A 53 -15.58 14.05 -22.28
CA SER A 53 -16.93 14.38 -21.83
C SER A 53 -17.59 13.31 -20.92
N PHE A 54 -17.06 12.10 -20.97
CA PHE A 54 -17.53 11.01 -20.11
C PHE A 54 -19.01 10.66 -20.32
N LYS A 55 -19.56 10.88 -21.52
CA LYS A 55 -20.97 10.50 -21.74
C LYS A 55 -21.16 9.00 -21.76
N ASP A 56 -22.21 8.54 -21.12
CA ASP A 56 -22.49 7.13 -20.98
C ASP A 56 -23.57 6.69 -21.99
N ILE A 57 -23.18 6.55 -23.26
CA ILE A 57 -24.17 6.25 -24.30
C ILE A 57 -24.16 4.78 -24.67
N ASP A 58 -25.33 4.29 -25.09
CA ASP A 58 -25.51 2.91 -25.54
C ASP A 58 -24.80 2.71 -26.87
N GLY A 59 -23.70 1.97 -26.86
CA GLY A 59 -22.93 1.77 -28.08
C GLY A 59 -23.37 0.59 -28.93
N GLY A 60 -24.44 -0.10 -28.54
CA GLY A 60 -24.86 -1.31 -29.23
C GLY A 60 -24.43 -2.58 -28.48
N VAL A 61 -24.11 -3.65 -29.21
CA VAL A 61 -23.62 -4.89 -28.58
C VAL A 61 -22.36 -4.63 -27.71
N TRP A 62 -21.48 -3.75 -28.17
CA TRP A 62 -20.41 -3.24 -27.30
C TRP A 62 -21.03 -2.05 -26.57
N LYS A 63 -21.56 -2.32 -25.36
CA LYS A 63 -22.45 -1.34 -24.71
C LYS A 63 -21.75 -0.01 -24.43
N GLN A 64 -20.44 -0.05 -24.16
CA GLN A 64 -19.70 1.16 -23.83
C GLN A 64 -18.73 1.62 -24.92
N GLY A 65 -18.90 1.05 -26.13
CA GLY A 65 -18.10 1.43 -27.30
C GLY A 65 -18.96 1.87 -28.49
N TRP A 66 -18.73 1.24 -29.63
CA TRP A 66 -19.43 1.57 -30.90
C TRP A 66 -19.41 0.32 -31.73
N ASN A 67 -20.16 0.32 -32.85
CA ASN A 67 -20.20 -0.80 -33.77
C ASN A 67 -18.94 -0.82 -34.64
N ILE A 68 -18.00 -1.72 -34.33
CA ILE A 68 -16.71 -1.69 -34.99
C ILE A 68 -16.85 -2.19 -36.44
N LYS A 69 -16.22 -1.46 -37.37
CA LYS A 69 -16.14 -1.86 -38.79
C LYS A 69 -14.69 -2.14 -39.19
N TYR A 70 -14.50 -3.08 -40.12
CA TYR A 70 -13.16 -3.37 -40.64
C TYR A 70 -13.24 -3.63 -42.15
N ASP A 71 -12.10 -3.49 -42.81
CA ASP A 71 -11.99 -3.78 -44.24
C ASP A 71 -11.56 -5.24 -44.39
N PRO A 72 -12.44 -6.10 -44.96
CA PRO A 72 -12.06 -7.52 -45.05
C PRO A 72 -10.76 -7.74 -45.86
N LEU A 73 -10.42 -6.77 -46.70
CA LEU A 73 -9.20 -6.83 -47.52
C LEU A 73 -7.89 -6.47 -46.78
N LYS A 74 -7.98 -6.05 -45.52
CA LYS A 74 -6.77 -5.69 -44.75
C LYS A 74 -5.78 -6.85 -44.57
N TYR A 75 -6.31 -8.05 -44.32
CA TYR A 75 -5.48 -9.23 -44.22
CA TYR A 75 -5.50 -9.25 -44.23
C TYR A 75 -5.60 -10.02 -45.54
N ASN A 76 -4.48 -10.60 -45.96
CA ASN A 76 -4.35 -11.34 -47.22
C ASN A 76 -3.21 -12.37 -47.10
N ALA A 77 -2.94 -13.09 -48.19
CA ALA A 77 -1.88 -14.10 -48.21
C ALA A 77 -0.55 -13.62 -47.62
N HIS A 78 -0.21 -12.37 -47.89
CA HIS A 78 1.10 -11.83 -47.50
C HIS A 78 1.07 -11.08 -46.17
N HIS A 79 -0.13 -10.90 -45.62
CA HIS A 79 -0.31 -10.19 -44.37
C HIS A 79 -1.45 -10.81 -43.57
N LYS A 80 -1.10 -11.80 -42.76
CA LYS A 80 -2.11 -12.57 -42.03
C LYS A 80 -2.29 -12.03 -40.59
N LEU A 81 -3.47 -12.25 -40.03
CA LEU A 81 -3.71 -11.96 -38.60
C LEU A 81 -3.27 -13.13 -37.74
N LYS A 82 -2.30 -12.92 -36.86
CA LYS A 82 -1.80 -13.98 -35.98
C LYS A 82 -2.53 -13.87 -34.66
N VAL A 83 -3.22 -14.92 -34.25
CA VAL A 83 -4.08 -14.89 -33.06
C VAL A 83 -3.52 -15.85 -31.98
N PHE A 84 -3.28 -15.32 -30.76
CA PHE A 84 -2.83 -16.12 -29.62
C PHE A 84 -3.94 -16.26 -28.57
N VAL A 85 -4.47 -17.47 -28.40
CA VAL A 85 -5.50 -17.73 -27.42
C VAL A 85 -4.78 -18.20 -26.16
N VAL A 86 -4.93 -17.43 -25.07
CA VAL A 86 -4.10 -17.64 -23.87
C VAL A 86 -4.95 -18.15 -22.68
N PRO A 87 -4.94 -19.48 -22.41
CA PRO A 87 -5.74 -20.03 -21.30
C PRO A 87 -5.22 -19.55 -19.92
N HIS A 88 -6.16 -19.23 -19.02
CA HIS A 88 -5.79 -18.67 -17.69
C HIS A 88 -6.85 -19.02 -16.67
N SER A 89 -6.51 -18.84 -15.39
CA SER A 89 -7.38 -19.15 -14.27
C SER A 89 -7.11 -18.12 -13.16
N HIS A 90 -8.07 -17.26 -12.85
CA HIS A 90 -7.85 -16.21 -11.86
C HIS A 90 -8.11 -16.77 -10.45
N ASN A 91 -7.05 -16.86 -9.64
CA ASN A 91 -7.14 -17.50 -8.32
C ASN A 91 -6.88 -16.53 -7.16
N ASP A 92 -7.92 -16.05 -6.51
CA ASP A 92 -7.78 -15.10 -5.37
C ASP A 92 -7.28 -15.75 -4.11
N PRO A 93 -6.15 -15.25 -3.55
CA PRO A 93 -5.66 -15.74 -2.23
C PRO A 93 -6.51 -15.19 -1.06
N GLY A 94 -7.78 -15.60 -1.07
CA GLY A 94 -8.78 -15.10 -0.14
C GLY A 94 -9.72 -14.11 -0.82
N TRP A 95 -11.03 -14.28 -0.56
CA TRP A 95 -12.09 -13.33 -0.98
C TRP A 95 -13.42 -13.76 -0.29
N ILE A 96 -14.12 -14.71 -0.92
CA ILE A 96 -15.36 -15.34 -0.40
C ILE A 96 -15.04 -16.54 0.51
N GLN A 97 -13.87 -17.13 0.32
CA GLN A 97 -13.32 -18.17 1.19
C GLN A 97 -11.91 -17.73 1.61
N THR A 98 -11.32 -18.37 2.62
CA THR A 98 -9.95 -18.06 2.98
C THR A 98 -8.98 -18.66 1.95
N PHE A 99 -7.71 -18.26 2.00
CA PHE A 99 -6.64 -18.85 1.21
C PHE A 99 -6.70 -20.39 1.32
N GLU A 100 -6.73 -20.90 2.54
CA GLU A 100 -6.65 -22.36 2.72
C GLU A 100 -7.92 -23.07 2.23
N GLU A 101 -9.09 -22.47 2.45
CA GLU A 101 -10.34 -23.05 1.95
C GLU A 101 -10.32 -23.13 0.41
N TYR A 102 -9.93 -22.05 -0.26
CA TYR A 102 -9.87 -22.11 -1.73
C TYR A 102 -8.80 -23.11 -2.21
N TYR A 103 -7.70 -23.19 -1.50
CA TYR A 103 -6.65 -24.14 -1.90
C TYR A 103 -7.19 -25.58 -1.90
N GLN A 104 -7.92 -25.90 -0.84
CA GLN A 104 -8.42 -27.27 -0.67
C GLN A 104 -9.55 -27.58 -1.62
N HIS A 105 -10.44 -26.63 -1.83
CA HIS A 105 -11.67 -26.86 -2.62
C HIS A 105 -11.43 -26.72 -4.13
N ASP A 106 -10.55 -25.80 -4.51
CA ASP A 106 -10.37 -25.45 -5.92
C ASP A 106 -8.94 -25.49 -6.46
N THR A 107 -8.03 -24.72 -5.87
CA THR A 107 -6.75 -24.44 -6.53
C THR A 107 -5.85 -25.68 -6.62
N LYS A 108 -5.87 -26.54 -5.60
CA LYS A 108 -5.02 -27.73 -5.69
C LYS A 108 -5.47 -28.64 -6.85
N HIS A 109 -6.76 -28.67 -7.13
CA HIS A 109 -7.30 -29.45 -8.25
C HIS A 109 -7.00 -28.80 -9.60
N ILE A 110 -7.08 -27.46 -9.67
CA ILE A 110 -6.70 -26.74 -10.90
C ILE A 110 -5.23 -27.06 -11.27
N LEU A 111 -4.34 -26.96 -10.28
CA LEU A 111 -2.94 -27.17 -10.57
C LEU A 111 -2.60 -28.63 -10.87
N SER A 112 -3.22 -29.53 -10.13
CA SER A 112 -3.03 -30.98 -10.42
C SER A 112 -3.50 -31.33 -11.83
N ASN A 113 -4.67 -30.82 -12.23
CA ASN A 113 -5.17 -31.11 -13.56
C ASN A 113 -4.44 -30.34 -14.64
N ALA A 114 -3.90 -29.15 -14.34
CA ALA A 114 -3.04 -28.46 -15.32
C ALA A 114 -1.79 -29.30 -15.62
N LEU A 115 -1.18 -29.82 -14.56
CA LEU A 115 0.01 -30.63 -14.74
C LEU A 115 -0.28 -31.86 -15.66
N ARG A 116 -1.36 -32.58 -15.38
CA ARG A 116 -1.73 -33.76 -16.17
C ARG A 116 -2.05 -33.40 -17.63
N HIS A 117 -2.92 -32.41 -17.80
CA HIS A 117 -3.37 -32.06 -19.13
C HIS A 117 -2.29 -31.46 -20.02
N LEU A 118 -1.45 -30.57 -19.47
CA LEU A 118 -0.35 -30.00 -20.24
C LEU A 118 0.69 -31.08 -20.56
N HIS A 119 0.98 -31.93 -19.58
CA HIS A 119 1.89 -33.06 -19.84
C HIS A 119 1.42 -33.91 -21.06
N ASP A 120 0.13 -34.22 -21.09
CA ASP A 120 -0.48 -35.13 -22.11
C ASP A 120 -0.80 -34.46 -23.44
N ASN A 121 -0.81 -33.14 -23.49
CA ASN A 121 -1.19 -32.38 -24.69
C ASN A 121 -0.18 -31.29 -25.04
N PRO A 122 0.88 -31.65 -25.75
CA PRO A 122 2.05 -30.77 -25.90
C PRO A 122 1.80 -29.39 -26.50
N GLU A 123 0.70 -29.20 -27.24
CA GLU A 123 0.43 -27.89 -27.85
C GLU A 123 -0.41 -26.99 -26.96
N MET A 124 -0.99 -27.55 -25.88
CA MET A 124 -1.80 -26.74 -24.95
C MET A 124 -0.88 -25.85 -24.09
N LYS A 125 -1.38 -24.69 -23.71
CA LYS A 125 -0.63 -23.70 -22.92
C LYS A 125 -1.49 -23.20 -21.77
N PHE A 126 -0.83 -22.54 -20.80
CA PHE A 126 -1.52 -22.04 -19.58
C PHE A 126 -0.60 -21.00 -18.94
N ILE A 127 -1.18 -19.91 -18.46
CA ILE A 127 -0.40 -18.94 -17.65
C ILE A 127 -0.85 -18.95 -16.18
N TRP A 128 0.10 -18.62 -15.29
CA TRP A 128 -0.14 -18.61 -13.81
C TRP A 128 0.47 -17.37 -13.18
N ALA A 129 -0.33 -16.71 -12.33
CA ALA A 129 0.07 -15.44 -11.67
C ALA A 129 0.45 -15.55 -10.18
N GLU A 130 -0.33 -16.27 -9.38
CA GLU A 130 -0.27 -16.14 -7.89
C GLU A 130 0.72 -17.16 -7.31
N ILE A 131 1.93 -16.73 -6.94
CA ILE A 131 2.92 -17.69 -6.48
C ILE A 131 2.65 -18.19 -5.04
N SER A 132 1.90 -17.45 -4.24
CA SER A 132 1.48 -17.97 -2.92
C SER A 132 0.83 -19.36 -3.06
N TYR A 133 -0.12 -19.49 -3.99
CA TYR A 133 -0.75 -20.79 -4.30
C TYR A 133 0.20 -21.79 -4.94
N PHE A 134 1.03 -21.34 -5.87
CA PHE A 134 1.89 -22.28 -6.60
C PHE A 134 2.91 -22.94 -5.64
N ALA A 135 3.50 -22.12 -4.76
CA ALA A 135 4.45 -22.61 -3.74
C ALA A 135 3.74 -23.61 -2.79
N ARG A 136 2.52 -23.30 -2.36
CA ARG A 136 1.69 -24.14 -1.45
C ARG A 136 1.46 -25.53 -2.10
N PHE A 137 1.29 -25.55 -3.43
CA PHE A 137 1.05 -26.78 -4.20
C PHE A 137 2.35 -27.57 -4.44
N TYR A 138 3.38 -26.88 -4.95
N TYR A 138 3.36 -26.86 -4.95
CA TYR A 138 4.64 -27.51 -5.36
CA TYR A 138 4.64 -27.47 -5.31
C TYR A 138 5.38 -28.21 -4.20
C TYR A 138 5.25 -28.27 -4.15
N HIS A 139 5.30 -27.63 -2.99
CA HIS A 139 5.92 -28.24 -1.82
C HIS A 139 5.20 -29.51 -1.37
N ASP A 140 3.95 -29.68 -1.77
CA ASP A 140 3.20 -30.88 -1.41
C ASP A 140 3.28 -32.00 -2.46
N LEU A 141 3.92 -31.72 -3.60
CA LEU A 141 4.08 -32.72 -4.67
C LEU A 141 5.20 -33.67 -4.38
N GLY A 142 5.01 -34.93 -4.78
CA GLY A 142 6.12 -35.89 -4.84
C GLY A 142 7.18 -35.53 -5.87
N GLU A 143 8.36 -36.10 -5.71
CA GLU A 143 9.50 -35.78 -6.58
C GLU A 143 9.22 -36.07 -8.08
N ASN A 144 8.53 -37.16 -8.38
CA ASN A 144 8.21 -37.49 -9.77
C ASN A 144 7.43 -36.35 -10.44
N LYS A 145 6.38 -35.89 -9.75
CA LYS A 145 5.54 -34.80 -10.25
C LYS A 145 6.24 -33.43 -10.22
N LYS A 146 7.14 -33.19 -9.25
CA LYS A 146 7.95 -31.96 -9.24
C LYS A 146 8.74 -31.89 -10.54
N LEU A 147 9.35 -33.02 -10.93
CA LEU A 147 10.15 -33.09 -12.17
C LEU A 147 9.28 -32.88 -13.41
N GLN A 148 8.10 -33.50 -13.46
CA GLN A 148 7.14 -33.24 -14.55
C GLN A 148 6.78 -31.75 -14.66
N MET A 149 6.55 -31.11 -13.50
CA MET A 149 6.17 -29.69 -13.44
C MET A 149 7.32 -28.81 -13.98
N LYS A 150 8.55 -29.09 -13.54
CA LYS A 150 9.69 -28.33 -14.04
C LYS A 150 9.84 -28.47 -15.55
N SER A 151 9.48 -29.63 -16.11
CA SER A 151 9.62 -29.88 -17.55
C SER A 151 8.62 -29.07 -18.39
N ILE A 152 7.37 -28.97 -17.93
CA ILE A 152 6.37 -28.16 -18.65
C ILE A 152 6.59 -26.64 -18.54
N VAL A 153 7.31 -26.22 -17.50
CA VAL A 153 7.78 -24.84 -17.38
C VAL A 153 8.97 -24.59 -18.32
N LYS A 154 9.98 -25.46 -18.21
CA LYS A 154 11.18 -25.33 -19.05
C LYS A 154 10.85 -25.35 -20.56
N ASN A 155 9.90 -26.20 -20.97
CA ASN A 155 9.47 -26.27 -22.37
C ASN A 155 8.48 -25.19 -22.85
N GLY A 156 8.05 -24.29 -21.96
CA GLY A 156 7.20 -23.18 -22.40
C GLY A 156 5.71 -23.40 -22.39
N GLN A 157 5.20 -24.55 -21.91
CA GLN A 157 3.75 -24.78 -21.88
C GLN A 157 3.04 -24.03 -20.73
N LEU A 158 3.64 -24.10 -19.54
CA LEU A 158 3.18 -23.39 -18.33
C LEU A 158 4.12 -22.18 -18.18
N GLU A 159 3.55 -20.98 -18.21
CA GLU A 159 4.34 -19.76 -18.08
C GLU A 159 3.83 -18.90 -16.93
N PHE A 160 4.76 -18.47 -16.09
CA PHE A 160 4.45 -17.57 -14.98
C PHE A 160 4.40 -16.14 -15.47
N VAL A 161 3.36 -15.43 -15.05
CA VAL A 161 3.13 -14.04 -15.41
C VAL A 161 3.18 -13.21 -14.12
N THR A 162 3.99 -12.12 -14.17
CA THR A 162 4.37 -11.32 -12.99
C THR A 162 5.25 -12.10 -12.01
N GLY A 163 4.67 -13.14 -11.42
CA GLY A 163 5.44 -13.97 -10.47
C GLY A 163 5.51 -13.38 -9.06
N GLY A 164 4.60 -12.47 -8.73
CA GLY A 164 4.48 -12.04 -7.32
C GLY A 164 3.75 -13.03 -6.43
N TRP A 165 3.91 -12.89 -5.11
CA TRP A 165 3.15 -13.71 -4.17
C TRP A 165 1.64 -13.60 -4.46
N VAL A 166 1.20 -12.40 -4.86
CA VAL A 166 -0.20 -12.09 -5.14
C VAL A 166 -0.28 -11.19 -6.39
N MET A 167 -1.52 -10.85 -6.75
CA MET A 167 -1.79 -9.79 -7.75
C MET A 167 -2.30 -8.63 -6.91
N PRO A 168 -1.42 -7.69 -6.54
CA PRO A 168 -1.81 -6.75 -5.48
C PRO A 168 -2.79 -5.65 -5.87
N ASP A 169 -3.48 -5.13 -4.86
CA ASP A 169 -4.11 -3.84 -4.99
C ASP A 169 -3.07 -2.81 -5.41
N GLU A 170 -3.52 -1.82 -6.20
CA GLU A 170 -2.62 -0.73 -6.63
C GLU A 170 -2.98 0.63 -6.00
N ALA A 171 -4.10 0.71 -5.26
CA ALA A 171 -4.55 1.99 -4.70
C ALA A 171 -4.03 2.22 -3.28
N ASN A 172 -4.23 1.23 -2.38
CA ASN A 172 -3.92 1.41 -0.94
C ASN A 172 -2.51 0.93 -0.55
N SER A 173 -1.92 0.09 -1.40
CA SER A 173 -0.63 -0.57 -1.09
C SER A 173 0.53 0.42 -1.09
N HIS A 174 1.44 0.22 -0.14
CA HIS A 174 2.67 1.03 -0.14
C HIS A 174 3.65 0.43 -1.16
N TRP A 175 4.40 1.26 -1.89
CA TRP A 175 5.38 0.72 -2.84
C TRP A 175 6.34 -0.29 -2.21
N ARG A 176 6.72 -0.06 -0.94
CA ARG A 176 7.66 -0.96 -0.27
C ARG A 176 7.07 -2.38 -0.20
N ASN A 177 5.75 -2.47 0.05
CA ASN A 177 5.12 -3.77 0.14
C ASN A 177 4.73 -4.40 -1.22
N VAL A 178 4.51 -3.56 -2.21
CA VAL A 178 4.42 -4.10 -3.59
C VAL A 178 5.77 -4.76 -3.97
N LEU A 179 6.89 -4.11 -3.63
CA LEU A 179 8.19 -4.70 -3.93
C LEU A 179 8.39 -5.95 -3.10
N LEU A 180 8.02 -5.93 -1.81
CA LEU A 180 8.22 -7.07 -0.92
C LEU A 180 7.53 -8.29 -1.51
N GLN A 181 6.25 -8.16 -1.92
CA GLN A 181 5.51 -9.36 -2.41
C GLN A 181 6.02 -9.81 -3.77
N LEU A 182 6.43 -8.86 -4.62
CA LEU A 182 7.08 -9.24 -5.89
C LEU A 182 8.33 -10.07 -5.66
N THR A 183 9.15 -9.63 -4.72
CA THR A 183 10.42 -10.30 -4.43
C THR A 183 10.16 -11.66 -3.82
N GLU A 184 9.13 -11.78 -2.98
CA GLU A 184 8.86 -13.07 -2.34
C GLU A 184 8.49 -14.13 -3.41
N GLY A 185 7.63 -13.77 -4.36
CA GLY A 185 7.27 -14.72 -5.41
C GLY A 185 8.39 -15.00 -6.39
N GLN A 186 9.12 -13.98 -6.81
CA GLN A 186 10.17 -14.20 -7.81
C GLN A 186 11.37 -14.93 -7.20
N THR A 187 11.68 -14.68 -5.94
CA THR A 187 12.79 -15.42 -5.32
C THR A 187 12.45 -16.92 -5.28
N TRP A 188 11.22 -17.26 -4.89
CA TRP A 188 10.72 -18.64 -4.95
C TRP A 188 10.85 -19.20 -6.39
N LEU A 189 10.37 -18.49 -7.39
CA LEU A 189 10.47 -19.00 -8.77
C LEU A 189 11.89 -19.23 -9.22
N LYS A 190 12.82 -18.32 -8.92
CA LYS A 190 14.21 -18.50 -9.35
C LYS A 190 14.77 -19.77 -8.72
N GLN A 191 14.52 -19.96 -7.42
CA GLN A 191 15.10 -21.10 -6.69
C GLN A 191 14.54 -22.43 -7.17
N PHE A 192 13.21 -22.53 -7.34
CA PHE A 192 12.59 -23.83 -7.61
C PHE A 192 12.27 -24.11 -9.07
N MET A 193 11.99 -23.08 -9.85
CA MET A 193 11.62 -23.25 -11.25
C MET A 193 12.75 -22.88 -12.20
N ASN A 194 13.67 -22.05 -11.73
CA ASN A 194 14.70 -21.45 -12.57
C ASN A 194 14.20 -20.51 -13.68
N VAL A 195 13.23 -19.66 -13.35
CA VAL A 195 12.72 -18.65 -14.30
C VAL A 195 12.41 -17.36 -13.56
N THR A 196 12.48 -16.24 -14.30
CA THR A 196 12.12 -14.91 -13.79
C THR A 196 11.23 -14.21 -14.83
N PRO A 197 9.92 -14.08 -14.56
CA PRO A 197 9.02 -13.46 -15.54
C PRO A 197 9.46 -12.07 -15.93
N THR A 198 9.28 -11.70 -17.21
CA THR A 198 9.51 -10.32 -17.67
C THR A 198 8.23 -9.68 -18.24
N ALA A 199 7.11 -10.39 -18.14
CA ALA A 199 5.80 -9.86 -18.50
C ALA A 199 4.85 -9.91 -17.29
N SER A 200 4.13 -8.81 -17.08
CA SER A 200 3.20 -8.71 -15.93
C SER A 200 1.74 -8.80 -16.40
N TRP A 201 0.88 -9.40 -15.57
CA TRP A 201 -0.56 -9.66 -15.83
C TRP A 201 -1.39 -9.17 -14.62
N ALA A 202 -2.13 -8.08 -14.78
CA ALA A 202 -2.94 -7.50 -13.68
C ALA A 202 -4.38 -7.25 -14.19
N ILE A 203 -5.21 -8.29 -14.10
CA ILE A 203 -6.56 -8.27 -14.72
C ILE A 203 -7.70 -7.86 -13.77
N ASP A 204 -7.44 -7.85 -12.44
CA ASP A 204 -8.53 -7.60 -11.47
C ASP A 204 -8.39 -6.40 -10.48
N PRO A 205 -7.18 -5.83 -10.21
CA PRO A 205 -7.15 -4.65 -9.27
C PRO A 205 -8.06 -3.51 -9.75
N PHE A 206 -8.60 -2.72 -8.82
CA PHE A 206 -9.75 -1.83 -9.16
C PHE A 206 -9.24 -0.42 -9.53
N GLY A 207 -8.67 -0.31 -10.73
CA GLY A 207 -7.86 0.83 -11.16
C GLY A 207 -6.37 0.54 -11.04
N HIS A 208 -5.56 1.32 -11.74
CA HIS A 208 -4.11 1.01 -11.93
C HIS A 208 -3.20 2.22 -11.66
N SER A 209 -2.04 1.94 -11.07
CA SER A 209 -1.08 2.94 -10.61
C SER A 209 0.22 2.87 -11.42
N PRO A 210 0.82 4.03 -11.77
CA PRO A 210 2.14 4.02 -12.43
C PRO A 210 3.28 3.53 -11.49
N THR A 211 2.99 3.34 -10.20
CA THR A 211 4.01 2.72 -9.33
C THR A 211 4.38 1.31 -9.81
N MET A 212 3.42 0.63 -10.44
CA MET A 212 3.69 -0.71 -10.99
C MET A 212 4.76 -0.72 -12.10
N PRO A 213 4.60 0.01 -13.22
CA PRO A 213 5.72 0.03 -14.20
C PRO A 213 7.00 0.55 -13.60
N TYR A 214 6.93 1.49 -12.64
CA TYR A 214 8.16 1.97 -11.98
C TYR A 214 8.98 0.81 -11.38
N ILE A 215 8.33 0.01 -10.52
CA ILE A 215 8.98 -1.10 -9.84
C ILE A 215 9.35 -2.20 -10.86
N LEU A 216 8.41 -2.52 -11.77
CA LEU A 216 8.64 -3.61 -12.74
C LEU A 216 9.81 -3.32 -13.67
N GLN A 217 9.87 -2.10 -14.21
CA GLN A 217 10.96 -1.73 -15.12
C GLN A 217 12.33 -1.80 -14.43
N LYS A 218 12.39 -1.52 -13.10
CA LYS A 218 13.64 -1.64 -12.32
C LYS A 218 13.90 -3.07 -11.79
N SER A 219 13.02 -4.00 -12.17
CA SER A 219 13.08 -5.43 -11.77
C SER A 219 13.14 -6.34 -13.00
N GLY A 220 13.62 -5.79 -14.12
CA GLY A 220 13.92 -6.59 -15.31
C GLY A 220 12.76 -6.76 -16.29
N PHE A 221 11.58 -6.20 -16.02
CA PHE A 221 10.42 -6.41 -16.90
C PHE A 221 10.52 -5.64 -18.19
N LYS A 222 9.86 -6.20 -19.21
CA LYS A 222 9.77 -5.59 -20.55
C LYS A 222 8.35 -5.26 -20.97
N ASN A 223 7.35 -5.86 -20.35
CA ASN A 223 5.94 -5.68 -20.79
C ASN A 223 4.98 -5.84 -19.61
N MET A 224 3.81 -5.19 -19.68
CA MET A 224 2.77 -5.41 -18.69
C MET A 224 1.39 -5.25 -19.30
N LEU A 225 0.40 -5.85 -18.64
CA LEU A 225 -1.01 -5.85 -19.10
C LEU A 225 -1.90 -5.40 -17.95
N ILE A 226 -2.89 -4.58 -18.25
CA ILE A 226 -3.87 -4.08 -17.28
C ILE A 226 -5.29 -4.19 -17.87
N GLN A 227 -6.30 -4.19 -17.00
CA GLN A 227 -7.70 -4.35 -17.43
C GLN A 227 -8.67 -3.33 -16.84
N ARG A 228 -8.68 -3.12 -15.53
CA ARG A 228 -9.76 -2.33 -14.95
C ARG A 228 -9.48 -0.84 -14.98
N THR A 229 -9.82 -0.23 -16.12
CA THR A 229 -9.76 1.21 -16.29
C THR A 229 -11.19 1.73 -16.66
N HIS A 230 -11.42 3.01 -16.39
CA HIS A 230 -12.75 3.61 -16.60
C HIS A 230 -13.27 3.31 -18.01
N TYR A 231 -14.54 2.93 -18.10
CA TYR A 231 -15.11 2.61 -19.41
C TYR A 231 -14.96 3.75 -20.43
N SER A 232 -14.97 4.99 -19.99
CA SER A 232 -14.84 6.13 -20.94
C SER A 232 -13.40 6.23 -21.44
N VAL A 233 -12.42 5.92 -20.57
CA VAL A 233 -11.02 5.86 -20.98
C VAL A 233 -10.79 4.75 -22.04
N LYS A 234 -11.31 3.55 -21.82
CA LYS A 234 -11.20 2.49 -22.85
C LYS A 234 -11.74 2.98 -24.20
N LYS A 235 -12.93 3.63 -24.19
CA LYS A 235 -13.52 4.11 -25.47
C LYS A 235 -12.62 5.14 -26.16
N GLU A 236 -12.12 6.10 -25.40
CA GLU A 236 -11.27 7.19 -25.93
C GLU A 236 -9.96 6.66 -26.51
N LEU A 237 -9.27 5.82 -25.74
CA LEU A 237 -8.03 5.25 -26.22
C LEU A 237 -8.28 4.29 -27.40
N ALA A 238 -9.34 3.50 -27.36
CA ALA A 238 -9.61 2.57 -28.49
C ALA A 238 -9.81 3.32 -29.82
N GLN A 239 -10.54 4.44 -29.77
CA GLN A 239 -10.80 5.25 -30.97
C GLN A 239 -9.50 5.73 -31.63
N GLN A 240 -8.45 5.92 -30.85
CA GLN A 240 -7.16 6.43 -31.34
C GLN A 240 -6.11 5.34 -31.48
N ARG A 241 -6.51 4.08 -31.25
CA ARG A 241 -5.57 2.96 -31.19
C ARG A 241 -4.38 3.26 -30.23
N GLN A 242 -4.76 3.74 -29.02
CA GLN A 242 -3.76 4.08 -27.98
C GLN A 242 -3.89 3.14 -26.77
N LEU A 243 -4.42 1.93 -27.00
CA LEU A 243 -4.54 0.94 -25.90
C LEU A 243 -3.22 0.22 -25.61
N GLU A 244 -2.24 0.31 -26.52
CA GLU A 244 -0.86 -0.14 -26.25
C GLU A 244 0.02 1.11 -26.26
N PHE A 245 0.80 1.28 -25.20
CA PHE A 245 1.55 2.52 -24.98
C PHE A 245 2.81 2.31 -24.16
N LEU A 246 3.76 3.23 -24.29
CA LEU A 246 4.99 3.24 -23.48
C LEU A 246 4.69 4.11 -22.25
N TRP A 247 4.47 3.44 -21.11
CA TRP A 247 4.03 4.12 -19.89
C TRP A 247 5.23 4.59 -19.09
N ARG A 248 5.44 5.92 -19.08
CA ARG A 248 6.56 6.50 -18.30
C ARG A 248 6.04 7.27 -17.06
N GLN A 249 6.95 7.54 -16.12
CA GLN A 249 6.55 8.35 -14.94
C GLN A 249 6.23 9.79 -15.27
N ILE A 250 5.39 10.43 -14.46
CA ILE A 250 4.89 11.77 -14.78
C ILE A 250 6.01 12.83 -14.81
N TRP A 251 7.12 12.58 -14.14
CA TRP A 251 8.22 13.56 -14.14
C TRP A 251 9.35 13.24 -15.11
N ASP A 252 9.24 12.12 -15.85
CA ASP A 252 10.35 11.59 -16.63
C ASP A 252 10.46 12.21 -18.01
N ASN A 253 11.38 13.17 -18.15
CA ASN A 253 11.53 13.90 -19.40
C ASN A 253 12.14 13.06 -20.53
N LYS A 254 13.12 12.22 -20.18
CA LYS A 254 13.89 11.44 -21.19
C LYS A 254 13.15 10.17 -21.63
N GLY A 255 12.44 9.55 -20.70
CA GLY A 255 11.73 8.31 -21.00
C GLY A 255 12.40 7.00 -20.56
N ASP A 256 13.45 7.09 -19.75
CA ASP A 256 14.15 5.88 -19.30
C ASP A 256 13.32 4.98 -18.37
N THR A 257 12.23 5.51 -17.81
CA THR A 257 11.34 4.68 -16.96
C THR A 257 10.28 3.89 -17.77
N ALA A 258 10.20 4.15 -19.09
CA ALA A 258 9.07 3.66 -19.90
C ALA A 258 8.96 2.13 -19.91
N LEU A 259 7.72 1.64 -19.80
CA LEU A 259 7.45 0.19 -19.90
C LEU A 259 6.29 -0.02 -20.83
N PHE A 260 6.47 -0.92 -21.83
CA PHE A 260 5.37 -1.20 -22.76
C PHE A 260 4.16 -1.81 -22.04
N THR A 261 2.98 -1.23 -22.28
CA THR A 261 1.77 -1.58 -21.56
C THR A 261 0.65 -1.88 -22.56
N HIS A 262 -0.07 -3.00 -22.29
CA HIS A 262 -1.27 -3.36 -23.05
C HIS A 262 -2.47 -3.21 -22.12
N MET A 263 -3.41 -2.32 -22.48
CA MET A 263 -4.71 -2.18 -21.81
C MET A 263 -5.75 -3.02 -22.59
N MET A 264 -6.44 -3.93 -21.91
CA MET A 264 -7.52 -4.68 -22.55
C MET A 264 -8.74 -3.74 -22.78
N PRO A 265 -9.55 -4.00 -23.85
CA PRO A 265 -10.50 -2.96 -24.29
C PRO A 265 -11.92 -3.02 -23.72
N PHE A 266 -12.31 -4.13 -23.11
CA PHE A 266 -13.70 -4.41 -22.82
C PHE A 266 -14.01 -4.46 -21.32
N TYR A 267 -15.25 -4.78 -20.98
CA TYR A 267 -15.77 -4.58 -19.64
C TYR A 267 -15.19 -5.57 -18.59
N SER A 268 -14.79 -6.76 -19.03
CA SER A 268 -14.32 -7.80 -18.11
C SER A 268 -13.19 -8.63 -18.74
N TYR A 269 -12.49 -9.44 -17.92
CA TYR A 269 -11.49 -10.41 -18.40
C TYR A 269 -12.13 -11.78 -18.69
N ASP A 270 -13.44 -11.93 -18.43
CA ASP A 270 -14.09 -13.24 -18.71
C ASP A 270 -14.24 -13.52 -20.20
N ILE A 271 -14.58 -14.78 -20.56
CA ILE A 271 -14.62 -15.15 -22.00
C ILE A 271 -15.63 -14.30 -22.82
N PRO A 272 -16.86 -14.04 -22.29
CA PRO A 272 -17.76 -13.15 -23.05
C PRO A 272 -17.18 -11.78 -23.38
N HIS A 273 -16.23 -11.27 -22.58
CA HIS A 273 -15.65 -9.92 -22.85
C HIS A 273 -14.20 -9.94 -23.35
N THR A 274 -13.77 -11.09 -23.90
CA THR A 274 -12.40 -11.20 -24.38
C THR A 274 -12.22 -11.69 -25.82
N CYS A 275 -13.26 -12.25 -26.47
CA CYS A 275 -13.08 -12.68 -27.87
C CYS A 275 -13.31 -11.55 -28.89
N GLY A 276 -14.01 -10.51 -28.48
CA GLY A 276 -14.51 -9.46 -29.38
C GLY A 276 -15.53 -8.58 -28.69
N PRO A 277 -16.11 -7.60 -29.42
CA PRO A 277 -17.04 -6.60 -28.86
C PRO A 277 -18.44 -7.08 -28.49
N ASP A 278 -18.87 -8.26 -28.96
CA ASP A 278 -20.26 -8.71 -28.72
C ASP A 278 -20.30 -9.91 -27.78
N PRO A 279 -20.65 -9.66 -26.52
CA PRO A 279 -20.62 -10.80 -25.56
C PRO A 279 -21.64 -11.90 -25.81
N LYS A 280 -22.75 -11.57 -26.50
CA LYS A 280 -23.71 -12.59 -26.91
C LYS A 280 -23.07 -13.62 -27.82
N VAL A 281 -22.14 -13.16 -28.67
CA VAL A 281 -21.37 -14.05 -29.51
C VAL A 281 -20.23 -14.77 -28.73
N CYS A 282 -19.40 -14.00 -28.01
CA CYS A 282 -18.25 -14.59 -27.31
C CYS A 282 -18.66 -15.64 -26.27
N CYS A 283 -19.82 -15.43 -25.63
CA CYS A 283 -20.29 -16.39 -24.64
C CYS A 283 -20.45 -17.80 -25.22
N GLN A 284 -20.76 -17.88 -26.53
CA GLN A 284 -20.92 -19.15 -27.24
C GLN A 284 -19.60 -19.91 -27.43
N PHE A 285 -18.49 -19.26 -27.08
CA PHE A 285 -17.15 -19.82 -27.23
C PHE A 285 -16.49 -20.08 -25.88
N ASP A 286 -17.34 -20.03 -24.84
CA ASP A 286 -16.96 -20.51 -23.50
C ASP A 286 -17.59 -21.92 -23.32
N PHE A 287 -16.83 -22.97 -23.57
CA PHE A 287 -17.45 -24.30 -23.67
C PHE A 287 -17.77 -24.93 -22.32
N LYS A 288 -17.48 -24.21 -21.22
CA LYS A 288 -17.99 -24.58 -19.89
C LYS A 288 -19.45 -24.20 -19.65
N ARG A 289 -20.10 -23.48 -20.59
CA ARG A 289 -21.45 -22.97 -20.35
C ARG A 289 -22.64 -23.74 -21.05
N MET A 290 -22.47 -25.03 -21.32
CA MET A 290 -23.56 -25.80 -22.00
C MET A 290 -24.58 -26.49 -21.05
N GLY A 291 -24.30 -26.48 -19.73
CA GLY A 291 -25.27 -26.94 -18.72
C GLY A 291 -24.77 -27.84 -17.58
N SER A 292 -23.97 -28.83 -17.93
CA SER A 292 -23.52 -29.84 -16.96
C SER A 292 -22.59 -29.32 -15.83
N PHE A 293 -21.99 -28.15 -16.06
CA PHE A 293 -21.16 -27.44 -15.07
C PHE A 293 -21.95 -26.41 -14.27
N GLY A 294 -23.25 -26.33 -14.50
CA GLY A 294 -24.10 -25.36 -13.80
C GLY A 294 -23.87 -23.90 -14.17
N LEU A 295 -23.38 -23.70 -15.39
CA LEU A 295 -23.14 -22.36 -15.94
C LEU A 295 -23.95 -22.21 -17.22
N SER A 296 -24.28 -20.97 -17.56
CA SER A 296 -25.10 -20.67 -18.75
C SER A 296 -24.70 -19.30 -19.29
N CYS A 297 -25.27 -18.89 -20.44
CA CYS A 297 -25.02 -17.59 -21.07
C CYS A 297 -26.20 -16.67 -20.81
N PRO A 298 -25.99 -15.56 -20.08
CA PRO A 298 -27.12 -14.65 -19.79
C PRO A 298 -27.71 -13.97 -21.02
N TRP A 299 -27.01 -14.04 -22.15
CA TRP A 299 -27.47 -13.42 -23.41
C TRP A 299 -28.39 -14.39 -24.13
N LYS A 300 -28.62 -15.54 -23.50
CA LYS A 300 -29.67 -16.48 -23.92
C LYS A 300 -29.36 -17.38 -25.12
N VAL A 301 -28.13 -17.33 -25.63
CA VAL A 301 -27.69 -18.25 -26.66
C VAL A 301 -26.54 -19.11 -26.11
N PRO A 302 -26.70 -20.45 -26.07
CA PRO A 302 -25.68 -21.28 -25.47
C PRO A 302 -24.53 -21.60 -26.43
N PRO A 303 -23.38 -22.03 -25.88
CA PRO A 303 -22.39 -22.61 -26.75
C PRO A 303 -22.94 -23.91 -27.34
N ARG A 304 -22.41 -24.31 -28.50
CA ARG A 304 -22.67 -25.64 -29.05
C ARG A 304 -21.35 -26.31 -29.44
N THR A 305 -21.27 -27.62 -29.20
CA THR A 305 -20.13 -28.44 -29.56
C THR A 305 -19.77 -28.25 -31.03
N ILE A 306 -18.49 -28.03 -31.30
CA ILE A 306 -18.02 -27.86 -32.66
C ILE A 306 -18.01 -29.23 -33.35
N SER A 307 -18.61 -29.28 -34.54
CA SER A 307 -18.69 -30.48 -35.38
C SER A 307 -18.29 -30.12 -36.81
N ASP A 308 -18.04 -31.12 -37.67
CA ASP A 308 -17.80 -30.86 -39.09
C ASP A 308 -18.97 -30.13 -39.78
N GLN A 309 -20.20 -30.30 -39.31
CA GLN A 309 -21.39 -29.65 -39.91
C GLN A 309 -21.60 -28.20 -39.50
N ASN A 310 -20.99 -27.79 -38.38
CA ASN A 310 -21.19 -26.42 -37.93
C ASN A 310 -19.91 -25.56 -37.90
N VAL A 311 -18.76 -26.18 -38.12
CA VAL A 311 -17.48 -25.46 -37.85
C VAL A 311 -17.31 -24.27 -38.78
N ALA A 312 -17.79 -24.35 -40.02
CA ALA A 312 -17.67 -23.18 -40.94
C ALA A 312 -18.49 -21.98 -40.44
N ALA A 313 -19.74 -22.19 -40.01
CA ALA A 313 -20.57 -21.10 -39.49
C ALA A 313 -20.02 -20.56 -38.16
N ARG A 314 -19.60 -21.47 -37.29
CA ARG A 314 -19.03 -21.05 -35.98
C ARG A 314 -17.72 -20.25 -36.20
N SER A 315 -16.86 -20.72 -37.10
CA SER A 315 -15.60 -20.03 -37.44
C SER A 315 -15.87 -18.67 -38.04
N ASP A 316 -16.91 -18.57 -38.88
CA ASP A 316 -17.36 -17.29 -39.49
CA ASP A 316 -17.21 -17.29 -39.47
C ASP A 316 -17.58 -16.26 -38.39
N LEU A 317 -18.37 -16.67 -37.41
CA LEU A 317 -18.77 -15.79 -36.33
C LEU A 317 -17.55 -15.40 -35.45
N LEU A 318 -16.67 -16.37 -35.16
CA LEU A 318 -15.53 -16.13 -34.23
C LEU A 318 -14.49 -15.24 -34.89
N VAL A 319 -14.12 -15.56 -36.13
CA VAL A 319 -13.12 -14.75 -36.85
C VAL A 319 -13.60 -13.31 -37.00
N ASP A 320 -14.91 -13.12 -37.22
CA ASP A 320 -15.48 -11.76 -37.30
C ASP A 320 -15.29 -10.99 -36.00
N GLN A 321 -15.54 -11.65 -34.87
CA GLN A 321 -15.22 -11.04 -33.54
C GLN A 321 -13.74 -10.65 -33.40
N TRP A 322 -12.84 -11.59 -33.72
CA TRP A 322 -11.41 -11.34 -33.67
C TRP A 322 -10.98 -10.16 -34.55
N LYS A 323 -11.48 -10.09 -35.78
CA LYS A 323 -11.09 -8.97 -36.70
C LYS A 323 -11.61 -7.63 -36.22
N LYS A 324 -12.75 -7.63 -35.56
CA LYS A 324 -13.22 -6.40 -34.90
C LYS A 324 -12.31 -5.97 -33.76
N LYS A 325 -12.00 -6.91 -32.84
CA LYS A 325 -11.04 -6.61 -31.77
C LYS A 325 -9.73 -6.07 -32.34
N ALA A 326 -9.24 -6.66 -33.43
CA ALA A 326 -7.94 -6.30 -33.99
C ALA A 326 -7.93 -4.87 -34.54
N GLU A 327 -9.11 -4.37 -34.90
CA GLU A 327 -9.19 -2.98 -35.37
C GLU A 327 -8.76 -1.96 -34.31
N LEU A 328 -8.82 -2.34 -33.03
CA LEU A 328 -8.51 -1.42 -31.93
C LEU A 328 -7.03 -1.31 -31.63
N TYR A 329 -6.21 -2.11 -32.33
CA TYR A 329 -4.75 -2.22 -32.06
C TYR A 329 -3.93 -2.00 -33.33
N ARG A 330 -2.63 -1.78 -33.19
CA ARG A 330 -1.80 -1.36 -34.33
C ARG A 330 -1.04 -2.46 -35.08
N THR A 331 -0.87 -3.65 -34.49
CA THR A 331 -0.13 -4.73 -35.20
C THR A 331 -1.05 -5.83 -35.77
N ASN A 332 -0.47 -6.79 -36.47
CA ASN A 332 -1.22 -7.95 -36.94
C ASN A 332 -1.11 -9.14 -35.99
N VAL A 333 -0.87 -8.87 -34.69
CA VAL A 333 -0.77 -9.91 -33.66
C VAL A 333 -1.86 -9.62 -32.63
N LEU A 334 -2.78 -10.56 -32.37
CA LEU A 334 -3.93 -10.32 -31.49
C LEU A 334 -3.91 -11.22 -30.26
N LEU A 335 -4.17 -10.63 -29.10
CA LEU A 335 -4.23 -11.38 -27.82
C LEU A 335 -5.72 -11.71 -27.50
N ILE A 336 -6.03 -13.00 -27.29
CA ILE A 336 -7.36 -13.44 -26.87
C ILE A 336 -7.21 -14.25 -25.58
N PRO A 337 -7.37 -13.61 -24.42
CA PRO A 337 -7.37 -14.39 -23.16
C PRO A 337 -8.53 -15.40 -23.14
N LEU A 338 -8.33 -16.58 -22.55
CA LEU A 338 -9.40 -17.60 -22.40
C LEU A 338 -9.45 -18.12 -20.95
N GLY A 339 -10.29 -17.50 -20.14
CA GLY A 339 -10.35 -17.91 -18.74
C GLY A 339 -11.30 -17.05 -17.92
N ASP A 340 -11.34 -17.33 -16.59
CA ASP A 340 -12.28 -16.72 -15.66
C ASP A 340 -11.83 -17.17 -14.26
N ASP A 341 -12.63 -16.84 -13.24
CA ASP A 341 -12.23 -17.12 -11.84
C ASP A 341 -12.21 -18.62 -11.59
N PHE A 342 -11.10 -19.10 -11.03
CA PHE A 342 -10.96 -20.49 -10.61
C PHE A 342 -11.38 -21.48 -11.74
N ARG A 343 -11.02 -21.13 -12.98
CA ARG A 343 -11.27 -22.03 -14.12
C ARG A 343 -10.21 -23.13 -14.24
N PHE A 344 -10.49 -24.07 -15.15
CA PHE A 344 -9.63 -25.21 -15.46
C PHE A 344 -9.42 -26.12 -14.25
N LYS A 345 -10.51 -26.37 -13.53
CA LYS A 345 -10.56 -27.21 -12.33
C LYS A 345 -10.76 -28.71 -12.61
N GLN A 346 -11.79 -29.00 -13.43
N GLN A 346 -11.74 -29.04 -13.43
CA GLN A 346 -12.23 -30.35 -13.82
CA GLN A 346 -11.99 -30.45 -13.69
C GLN A 346 -11.47 -30.88 -15.07
C GLN A 346 -11.45 -30.89 -15.03
N ASN A 347 -11.06 -32.16 -15.08
CA ASN A 347 -10.56 -32.81 -16.30
C ASN A 347 -11.49 -32.61 -17.49
N THR A 348 -12.79 -32.80 -17.26
CA THR A 348 -13.81 -32.62 -18.31
C THR A 348 -13.83 -31.17 -18.85
N GLU A 349 -13.47 -30.19 -18.01
CA GLU A 349 -13.39 -28.79 -18.46
C GLU A 349 -12.17 -28.54 -19.33
N TRP A 350 -11.03 -29.10 -18.95
CA TRP A 350 -9.84 -29.02 -19.81
C TRP A 350 -10.18 -29.58 -21.19
N ASP A 351 -10.83 -30.74 -21.23
CA ASP A 351 -11.18 -31.39 -22.50
C ASP A 351 -12.16 -30.57 -23.33
N VAL A 352 -13.22 -30.06 -22.72
CA VAL A 352 -14.28 -29.38 -23.48
C VAL A 352 -13.72 -28.09 -24.11
N GLN A 353 -12.85 -27.36 -23.39
CA GLN A 353 -12.26 -26.15 -23.97
C GLN A 353 -11.22 -26.51 -25.02
N ARG A 354 -10.26 -27.37 -24.69
CA ARG A 354 -9.20 -27.73 -25.64
C ARG A 354 -9.71 -28.34 -26.95
N VAL A 355 -10.61 -29.33 -26.87
CA VAL A 355 -11.02 -30.06 -28.09
C VAL A 355 -11.84 -29.15 -29.04
N ASN A 356 -12.74 -28.35 -28.48
CA ASN A 356 -13.50 -27.44 -29.32
C ASN A 356 -12.65 -26.37 -30.00
N TYR A 357 -11.67 -25.82 -29.25
CA TYR A 357 -10.77 -24.82 -29.84
C TYR A 357 -9.84 -25.45 -30.87
N GLU A 358 -9.33 -26.64 -30.59
CA GLU A 358 -8.55 -27.35 -31.62
C GLU A 358 -9.33 -27.57 -32.95
N ARG A 359 -10.63 -27.88 -32.88
CA ARG A 359 -11.44 -28.03 -34.11
C ARG A 359 -11.57 -26.69 -34.87
N LEU A 360 -11.75 -25.60 -34.11
CA LEU A 360 -11.83 -24.27 -34.72
C LEU A 360 -10.49 -23.89 -35.37
N PHE A 361 -9.36 -24.12 -34.70
CA PHE A 361 -8.07 -23.78 -35.27
C PHE A 361 -7.81 -24.57 -36.56
N GLU A 362 -8.13 -25.86 -36.58
CA GLU A 362 -7.80 -26.69 -37.73
C GLU A 362 -8.59 -26.18 -38.97
N HIS A 363 -9.84 -25.80 -38.75
CA HIS A 363 -10.65 -25.23 -39.83
C HIS A 363 -10.14 -23.88 -40.27
N ILE A 364 -10.01 -22.96 -39.32
CA ILE A 364 -9.66 -21.57 -39.62
C ILE A 364 -8.33 -21.50 -40.32
N ASN A 365 -7.35 -22.24 -39.83
CA ASN A 365 -5.97 -22.16 -40.33
C ASN A 365 -5.82 -22.74 -41.74
N SER A 366 -6.78 -23.58 -42.13
CA SER A 366 -6.75 -24.26 -43.44
C SER A 366 -7.61 -23.53 -44.48
N GLN A 367 -8.35 -22.52 -44.06
CA GLN A 367 -9.24 -21.76 -44.95
C GLN A 367 -8.57 -20.45 -45.30
N ALA A 368 -7.85 -20.43 -46.43
CA ALA A 368 -7.09 -19.24 -46.85
C ALA A 368 -7.87 -17.92 -46.83
N HIS A 369 -9.16 -17.99 -47.19
CA HIS A 369 -10.02 -16.80 -47.22
C HIS A 369 -10.09 -15.99 -45.90
N PHE A 370 -9.84 -16.65 -44.76
CA PHE A 370 -9.78 -15.93 -43.46
C PHE A 370 -8.47 -15.15 -43.28
N ASN A 371 -7.39 -15.68 -43.84
CA ASN A 371 -6.07 -15.07 -43.69
C ASN A 371 -5.73 -14.93 -42.21
N VAL A 372 -6.00 -15.98 -41.45
CA VAL A 372 -5.69 -16.03 -40.00
C VAL A 372 -4.85 -17.25 -39.67
N GLN A 373 -3.89 -17.10 -38.74
CA GLN A 373 -3.22 -18.24 -38.14
C GLN A 373 -3.42 -18.16 -36.61
N ALA A 374 -4.23 -19.06 -36.06
CA ALA A 374 -4.61 -19.05 -34.65
C ALA A 374 -4.05 -20.25 -33.92
N GLN A 375 -3.64 -20.02 -32.66
CA GLN A 375 -3.05 -21.08 -31.84
CA GLN A 375 -3.05 -21.09 -31.83
C GLN A 375 -3.15 -20.75 -30.35
N PHE A 376 -3.04 -21.78 -29.49
CA PHE A 376 -2.83 -21.49 -28.07
C PHE A 376 -1.46 -20.85 -27.91
N GLY A 377 -1.37 -19.89 -26.98
CA GLY A 377 -0.11 -19.20 -26.71
C GLY A 377 -0.01 -18.79 -25.26
N THR A 378 1.16 -18.23 -24.93
CA THR A 378 1.39 -17.61 -23.63
C THR A 378 1.46 -16.08 -23.79
N LEU A 379 1.50 -15.39 -22.65
CA LEU A 379 1.60 -13.93 -22.66
C LEU A 379 2.91 -13.44 -23.27
N GLN A 380 4.03 -14.05 -22.89
CA GLN A 380 5.32 -13.65 -23.44
C GLN A 380 5.35 -13.86 -24.97
N GLU A 381 4.73 -14.95 -25.46
CA GLU A 381 4.74 -15.19 -26.90
C GLU A 381 3.99 -14.06 -27.63
N TYR A 382 2.84 -13.61 -27.08
CA TYR A 382 2.14 -12.44 -27.62
C TYR A 382 3.05 -11.18 -27.71
N PHE A 383 3.67 -10.83 -26.58
CA PHE A 383 4.50 -9.61 -26.56
C PHE A 383 5.72 -9.74 -27.49
N ASP A 384 6.33 -10.92 -27.53
CA ASP A 384 7.48 -11.11 -28.45
C ASP A 384 7.07 -10.87 -29.90
N ALA A 385 5.89 -11.36 -30.31
CA ALA A 385 5.44 -11.18 -31.68
C ALA A 385 5.07 -9.73 -31.96
N VAL A 386 4.43 -9.05 -31.00
CA VAL A 386 4.17 -7.60 -31.15
C VAL A 386 5.44 -6.80 -31.42
N HIS A 387 6.47 -7.03 -30.61
CA HIS A 387 7.73 -6.30 -30.79
C HIS A 387 8.49 -6.68 -32.08
N GLN A 388 8.33 -7.93 -32.55
CA GLN A 388 8.86 -8.34 -33.87
C GLN A 388 8.19 -7.49 -34.95
N ALA A 389 6.89 -7.26 -34.83
CA ALA A 389 6.14 -6.41 -35.77
C ALA A 389 6.62 -4.95 -35.73
N GLU A 390 6.78 -4.40 -34.52
CA GLU A 390 7.35 -3.04 -34.30
C GLU A 390 8.71 -2.88 -34.99
N ARG A 391 9.64 -3.80 -34.72
CA ARG A 391 10.96 -3.77 -35.37
C ARG A 391 10.92 -3.92 -36.91
N ALA A 392 9.91 -4.60 -37.44
CA ALA A 392 9.73 -4.72 -38.90
C ALA A 392 9.16 -3.42 -39.49
N GLY A 393 8.90 -2.43 -38.64
CA GLY A 393 8.38 -1.13 -39.07
C GLY A 393 6.88 -1.08 -39.27
N GLN A 394 6.18 -2.08 -38.72
CA GLN A 394 4.74 -2.25 -38.93
C GLN A 394 3.90 -1.29 -38.06
N ALA A 395 4.48 -0.81 -36.95
CA ALA A 395 3.76 -0.03 -35.96
C ALA A 395 4.72 0.82 -35.13
N GLU A 396 4.26 2.00 -34.72
CA GLU A 396 4.93 2.79 -33.68
C GLU A 396 3.90 3.02 -32.57
N PHE A 397 4.36 3.09 -31.32
CA PHE A 397 3.46 3.21 -30.18
C PHE A 397 3.54 4.59 -29.50
N PRO A 398 2.40 5.06 -29.02
CA PRO A 398 2.35 6.33 -28.30
C PRO A 398 2.98 6.24 -26.90
N THR A 399 3.42 7.36 -26.41
CA THR A 399 3.92 7.52 -25.03
C THR A 399 2.80 8.05 -24.14
N LEU A 400 2.81 7.64 -22.87
CA LEU A 400 1.72 7.99 -21.93
C LEU A 400 2.29 8.18 -20.53
N SER A 401 1.77 9.20 -19.83
CA SER A 401 1.98 9.30 -18.37
C SER A 401 0.66 9.59 -17.65
N GLY A 402 0.63 9.26 -16.35
CA GLY A 402 -0.52 9.49 -15.47
C GLY A 402 -0.96 8.19 -14.82
N ASP A 403 -2.14 8.20 -14.21
CA ASP A 403 -2.68 7.00 -13.52
C ASP A 403 -4.05 6.66 -14.06
N PHE A 404 -4.65 5.60 -13.51
CA PHE A 404 -5.98 5.12 -13.91
C PHE A 404 -6.93 4.96 -12.71
N PHE A 405 -6.98 6.03 -11.90
CA PHE A 405 -7.95 6.18 -10.81
C PHE A 405 -8.79 7.45 -11.10
N THR A 406 -10.05 7.50 -10.68
CA THR A 406 -10.80 6.45 -9.98
C THR A 406 -11.61 5.63 -10.98
N TYR A 407 -11.51 4.31 -10.88
CA TYR A 407 -12.19 3.39 -11.76
C TYR A 407 -13.71 3.47 -11.65
N ALA A 408 -14.40 3.43 -12.80
CA ALA A 408 -15.85 3.08 -12.85
C ALA A 408 -16.05 2.02 -13.91
N ASP A 409 -16.77 0.94 -13.58
CA ASP A 409 -17.07 -0.11 -14.55
C ASP A 409 -18.34 0.15 -15.37
N ARG A 410 -19.24 0.99 -14.85
CA ARG A 410 -20.52 1.32 -15.53
C ARG A 410 -21.17 2.50 -14.84
N SER A 411 -21.96 3.23 -15.65
CA SER A 411 -22.77 4.36 -15.20
CA SER A 411 -22.79 4.29 -15.12
C SER A 411 -22.02 5.27 -14.21
N ASP A 412 -22.60 5.57 -13.02
CA ASP A 412 -21.93 6.39 -12.01
C ASP A 412 -21.32 5.55 -10.87
N ASN A 413 -21.11 4.26 -11.14
CA ASN A 413 -20.60 3.33 -10.10
C ASN A 413 -19.04 3.42 -10.01
N TYR A 414 -18.55 4.42 -9.29
CA TYR A 414 -17.11 4.67 -9.04
C TYR A 414 -16.66 3.93 -7.79
N TRP A 415 -15.54 3.23 -7.97
CA TRP A 415 -15.04 2.31 -6.94
C TRP A 415 -14.13 3.08 -5.95
N SER A 416 -14.65 4.12 -5.31
CA SER A 416 -13.86 4.83 -4.31
C SER A 416 -14.17 4.38 -2.86
N GLY A 417 -15.14 3.48 -2.66
CA GLY A 417 -15.42 3.04 -1.28
C GLY A 417 -14.25 2.24 -0.69
N TYR A 418 -13.60 1.42 -1.52
CA TYR A 418 -12.56 0.50 -1.01
C TYR A 418 -11.28 1.25 -0.63
N TYR A 419 -11.20 2.56 -0.91
CA TYR A 419 -10.08 3.35 -0.38
C TYR A 419 -10.15 3.47 1.16
N THR A 420 -11.31 3.12 1.76
CA THR A 420 -11.56 3.27 3.19
C THR A 420 -12.04 1.99 3.89
N SER A 421 -12.68 1.09 3.14
CA SER A 421 -13.30 -0.08 3.76
C SER A 421 -12.35 -0.87 4.66
N ARG A 422 -12.88 -1.32 5.81
CA ARG A 422 -12.06 -2.07 6.81
C ARG A 422 -10.79 -1.30 7.21
N PRO A 423 -10.94 -0.08 7.74
CA PRO A 423 -9.78 0.75 8.01
C PRO A 423 -8.87 0.24 9.14
N TYR A 424 -9.40 -0.55 10.07
CA TYR A 424 -8.51 -1.18 11.08
C TYR A 424 -7.36 -1.93 10.41
N HIS A 425 -7.66 -2.72 9.38
CA HIS A 425 -6.64 -3.57 8.76
C HIS A 425 -5.74 -2.76 7.83
N LYS A 426 -6.27 -1.65 7.26
CA LYS A 426 -5.46 -0.76 6.46
C LYS A 426 -4.38 -0.14 7.35
N ARG A 427 -4.74 0.26 8.58
CA ARG A 427 -3.73 0.78 9.50
C ARG A 427 -2.74 -0.30 9.95
N MET A 428 -3.24 -1.51 10.22
CA MET A 428 -2.38 -2.63 10.59
C MET A 428 -1.32 -2.91 9.51
N ASP A 429 -1.72 -2.79 8.24
CA ASP A 429 -0.77 -2.95 7.11
C ASP A 429 0.46 -2.07 7.31
N ARG A 430 0.27 -0.79 7.66
CA ARG A 430 1.40 0.13 7.78
C ARG A 430 2.25 -0.17 9.02
N VAL A 431 1.59 -0.62 10.10
CA VAL A 431 2.34 -1.04 11.30
C VAL A 431 3.24 -2.26 10.94
N LEU A 432 2.66 -3.31 10.33
CA LEU A 432 3.46 -4.48 9.99
C LEU A 432 4.52 -4.13 8.92
N MET A 433 4.22 -3.22 7.97
CA MET A 433 5.24 -2.78 7.02
C MET A 433 6.53 -2.38 7.72
N HIS A 434 6.38 -1.52 8.74
CA HIS A 434 7.55 -1.00 9.46
C HIS A 434 8.23 -2.08 10.31
N TYR A 435 7.45 -2.91 11.00
CA TYR A 435 8.04 -3.98 11.81
C TYR A 435 8.82 -4.99 10.94
N VAL A 436 8.35 -5.26 9.72
CA VAL A 436 9.12 -6.16 8.85
C VAL A 436 10.46 -5.49 8.49
N ARG A 437 10.40 -4.22 8.11
CA ARG A 437 11.65 -3.52 7.79
C ARG A 437 12.63 -3.50 8.97
N ALA A 438 12.13 -3.17 10.16
CA ALA A 438 12.98 -3.10 11.35
C ALA A 438 13.55 -4.48 11.74
N ALA A 439 12.76 -5.56 11.64
CA ALA A 439 13.25 -6.88 11.97
C ALA A 439 14.32 -7.34 10.97
N GLU A 440 14.07 -7.12 9.69
CA GLU A 440 15.09 -7.51 8.69
C GLU A 440 16.39 -6.71 8.87
N MET A 441 16.28 -5.42 9.15
CA MET A 441 17.47 -4.59 9.30
C MET A 441 18.25 -4.90 10.59
N LEU A 442 17.55 -4.98 11.71
CA LEU A 442 18.25 -5.28 12.98
C LEU A 442 18.95 -6.62 12.95
N SER A 443 18.34 -7.64 12.35
CA SER A 443 18.97 -8.96 12.30
C SER A 443 19.98 -9.11 11.18
N ALA A 444 20.02 -8.21 10.20
CA ALA A 444 20.98 -8.27 9.09
C ALA A 444 22.43 -8.07 9.53
N TRP A 445 22.67 -7.38 10.65
CA TRP A 445 24.03 -7.03 11.09
C TRP A 445 24.90 -8.24 11.41
N HIS A 446 24.27 -9.34 11.79
CA HIS A 446 24.98 -10.57 12.17
C HIS A 446 24.49 -11.73 11.30
N SER A 447 25.33 -12.76 11.24
CA SER A 447 24.95 -14.08 10.80
C SER A 447 24.38 -14.86 11.99
N TRP A 448 23.31 -15.63 11.82
CA TRP A 448 22.67 -16.32 12.93
C TRP A 448 22.72 -17.82 12.75
N ASP A 449 22.95 -18.54 13.85
CA ASP A 449 22.82 -20.01 13.87
C ASP A 449 21.41 -20.44 13.50
N GLY A 450 21.28 -21.58 12.81
CA GLY A 450 19.95 -22.10 12.43
C GLY A 450 19.02 -22.28 13.62
N MET A 451 19.61 -22.58 14.78
CA MET A 451 18.81 -22.81 15.99
C MET A 451 18.07 -21.56 16.48
N ALA A 452 18.53 -20.37 16.05
CA ALA A 452 17.91 -19.11 16.43
C ALA A 452 16.57 -18.85 15.70
N ARG A 453 16.33 -19.59 14.60
CA ARG A 453 15.07 -19.53 13.85
C ARG A 453 14.80 -18.11 13.30
N ILE A 454 15.87 -17.37 13.00
CA ILE A 454 15.69 -16.01 12.47
C ILE A 454 15.09 -16.05 11.05
N GLU A 455 15.70 -16.80 10.14
CA GLU A 455 15.22 -16.89 8.76
C GLU A 455 13.77 -17.40 8.74
N GLU A 456 13.45 -18.38 9.58
CA GLU A 456 12.13 -18.96 9.64
C GLU A 456 11.08 -17.87 9.99
N ARG A 457 11.35 -17.14 11.07
CA ARG A 457 10.39 -16.11 11.54
C ARG A 457 10.25 -14.98 10.53
N LEU A 458 11.36 -14.57 9.90
CA LEU A 458 11.30 -13.48 8.91
C LEU A 458 10.55 -13.92 7.63
N GLU A 459 10.74 -15.19 7.21
CA GLU A 459 9.99 -15.67 6.05
C GLU A 459 8.48 -15.65 6.33
N GLN A 460 8.07 -16.12 7.52
CA GLN A 460 6.66 -16.07 7.91
C GLN A 460 6.12 -14.64 7.86
N ALA A 461 6.85 -13.70 8.46
CA ALA A 461 6.40 -12.30 8.49
C ALA A 461 6.26 -11.72 7.08
N ARG A 462 7.27 -11.93 6.23
CA ARG A 462 7.23 -11.42 4.87
C ARG A 462 6.04 -11.99 4.07
N ARG A 463 5.77 -13.28 4.26
CA ARG A 463 4.71 -13.98 3.51
C ARG A 463 3.32 -13.53 3.96
N GLU A 464 3.09 -13.29 5.26
CA GLU A 464 1.75 -12.86 5.71
C GLU A 464 1.51 -11.43 5.27
N LEU A 465 2.53 -10.58 5.34
CA LEU A 465 2.33 -9.20 4.89
C LEU A 465 2.13 -9.18 3.36
N SER A 466 2.89 -9.99 2.63
CA SER A 466 2.75 -10.10 1.18
C SER A 466 1.34 -10.59 0.78
N LEU A 467 0.82 -11.58 1.50
CA LEU A 467 -0.53 -12.13 1.22
C LEU A 467 -1.56 -10.98 1.31
N PHE A 468 -1.39 -10.10 2.30
CA PHE A 468 -2.40 -9.06 2.55
C PHE A 468 -2.42 -7.97 1.48
N GLN A 469 -1.39 -7.89 0.64
CA GLN A 469 -1.39 -6.94 -0.47
C GLN A 469 -2.37 -7.34 -1.58
N HIS A 470 -2.91 -8.56 -1.52
CA HIS A 470 -3.91 -9.03 -2.50
C HIS A 470 -5.03 -7.99 -2.64
N HIS A 471 -5.61 -7.94 -3.84
CA HIS A 471 -6.71 -7.01 -4.17
C HIS A 471 -8.05 -7.29 -3.45
N ASP A 472 -8.12 -8.31 -2.57
CA ASP A 472 -9.25 -8.44 -1.62
C ASP A 472 -8.78 -8.40 -0.15
N GLY A 473 -7.49 -8.11 0.08
CA GLY A 473 -6.94 -8.02 1.43
C GLY A 473 -6.99 -6.60 1.92
N ILE A 474 -5.92 -5.84 1.64
CA ILE A 474 -5.85 -4.45 2.11
C ILE A 474 -7.04 -3.59 1.64
N THR A 475 -7.69 -3.98 0.53
CA THR A 475 -8.84 -3.25 -0.04
C THR A 475 -10.07 -3.31 0.90
N GLY A 476 -10.12 -4.27 1.83
CA GLY A 476 -11.31 -4.36 2.67
C GLY A 476 -12.53 -4.89 1.92
N THR A 477 -12.31 -5.75 0.90
CA THR A 477 -13.39 -6.29 0.09
C THR A 477 -13.61 -7.80 0.26
N ALA A 478 -13.15 -8.40 1.36
CA ALA A 478 -13.38 -9.83 1.61
C ALA A 478 -14.56 -10.09 2.58
N LYS A 479 -15.02 -11.35 2.61
CA LYS A 479 -16.03 -11.72 3.64
C LYS A 479 -15.48 -11.55 5.08
N THR A 480 -16.38 -11.36 6.04
CA THR A 480 -15.96 -11.16 7.42
C THR A 480 -14.99 -12.23 7.93
N HIS A 481 -15.25 -13.54 7.68
CA HIS A 481 -14.36 -14.57 8.22
C HIS A 481 -13.00 -14.59 7.54
N VAL A 482 -12.93 -14.08 6.30
CA VAL A 482 -11.68 -13.97 5.57
C VAL A 482 -10.85 -12.78 6.11
N VAL A 483 -11.50 -11.65 6.38
CA VAL A 483 -10.83 -10.54 7.07
C VAL A 483 -10.23 -11.02 8.39
N VAL A 484 -11.00 -11.82 9.15
CA VAL A 484 -10.47 -12.41 10.40
C VAL A 484 -9.22 -13.27 10.18
N ASP A 485 -9.22 -14.09 9.13
CA ASP A 485 -8.02 -14.86 8.78
C ASP A 485 -6.82 -13.96 8.45
N TYR A 486 -7.00 -12.90 7.66
CA TYR A 486 -5.87 -12.00 7.38
C TYR A 486 -5.36 -11.32 8.65
N GLU A 487 -6.28 -10.92 9.54
CA GLU A 487 -5.88 -10.29 10.81
C GLU A 487 -5.04 -11.25 11.68
N GLN A 488 -5.54 -12.50 11.79
CA GLN A 488 -4.79 -13.50 12.58
C GLN A 488 -3.41 -13.76 12.02
N ARG A 489 -3.30 -13.86 10.69
CA ARG A 489 -2.01 -14.04 10.04
C ARG A 489 -1.08 -12.84 10.32
N MET A 490 -1.59 -11.61 10.21
CA MET A 490 -0.76 -10.42 10.52
C MET A 490 -0.36 -10.33 11.99
N GLN A 491 -1.22 -10.77 12.91
N GLN A 491 -1.26 -10.78 12.89
CA GLN A 491 -0.80 -10.77 14.33
CA GLN A 491 -0.94 -10.84 14.33
C GLN A 491 0.36 -11.73 14.54
C GLN A 491 0.25 -11.74 14.60
N GLU A 492 0.27 -12.90 13.93
CA GLU A 492 1.38 -13.84 14.03
C GLU A 492 2.66 -13.25 13.44
N ALA A 493 2.52 -12.55 12.32
CA ALA A 493 3.67 -11.88 11.73
C ALA A 493 4.28 -10.78 12.65
N LEU A 494 3.44 -10.00 13.34
CA LEU A 494 3.96 -9.01 14.29
C LEU A 494 4.72 -9.69 15.42
N LYS A 495 4.22 -10.81 15.91
CA LYS A 495 4.90 -11.53 17.00
C LYS A 495 6.25 -12.07 16.52
N ALA A 496 6.31 -12.55 15.27
CA ALA A 496 7.57 -12.98 14.66
C ALA A 496 8.59 -11.84 14.57
N CYS A 497 8.14 -10.69 14.09
CA CYS A 497 9.01 -9.51 14.03
C CYS A 497 9.54 -9.10 15.42
N GLN A 498 8.67 -9.04 16.41
N GLN A 498 8.66 -9.06 16.40
CA GLN A 498 9.11 -8.69 17.78
CA GLN A 498 9.05 -8.72 17.78
C GLN A 498 10.19 -9.65 18.26
C GLN A 498 10.14 -9.65 18.29
N MET A 499 10.01 -10.96 18.06
CA MET A 499 11.03 -11.94 18.52
C MET A 499 12.38 -11.66 17.89
N VAL A 500 12.39 -11.46 16.56
CA VAL A 500 13.62 -11.22 15.85
C VAL A 500 14.28 -9.91 16.32
N MET A 501 13.48 -8.84 16.42
CA MET A 501 13.98 -7.53 16.84
C MET A 501 14.60 -7.63 18.23
N GLN A 502 13.92 -8.26 19.19
CA GLN A 502 14.45 -8.22 20.57
C GLN A 502 15.69 -9.12 20.74
N GLN A 503 15.77 -10.22 20.02
CA GLN A 503 17.01 -11.03 20.04
C GLN A 503 18.14 -10.23 19.45
N SER A 504 17.86 -9.47 18.39
CA SER A 504 18.90 -8.66 17.74
C SER A 504 19.43 -7.52 18.65
N VAL A 505 18.52 -6.81 19.32
CA VAL A 505 18.92 -5.75 20.27
C VAL A 505 19.83 -6.34 21.40
N TYR A 506 19.42 -7.46 21.95
CA TYR A 506 20.23 -8.12 23.00
C TYR A 506 21.65 -8.42 22.49
N ARG A 507 21.77 -8.91 21.27
CA ARG A 507 23.11 -9.20 20.74
C ARG A 507 23.91 -7.93 20.40
N LEU A 508 23.26 -6.90 19.86
CA LEU A 508 23.96 -5.69 19.43
C LEU A 508 24.47 -4.82 20.57
N LEU A 509 23.83 -4.96 21.73
CA LEU A 509 24.12 -4.11 22.87
C LEU A 509 24.66 -4.84 24.10
N THR A 510 25.16 -6.08 23.97
CA THR A 510 25.76 -6.76 25.13
C THR A 510 27.23 -7.08 24.82
N LYS A 511 28.10 -6.89 25.80
CA LYS A 511 29.52 -7.24 25.65
C LYS A 511 29.67 -8.64 25.10
N PRO A 512 30.41 -8.80 24.00
CA PRO A 512 30.42 -10.11 23.34
C PRO A 512 30.79 -11.32 24.21
N SER A 513 31.74 -11.14 25.15
CA SER A 513 32.16 -12.29 25.98
C SER A 513 31.19 -12.60 27.13
N ILE A 514 30.17 -11.76 27.28
CA ILE A 514 29.07 -11.97 28.25
C ILE A 514 27.79 -12.53 27.57
N TYR A 515 27.54 -12.11 26.31
CA TYR A 515 26.35 -12.50 25.54
C TYR A 515 26.06 -14.00 25.65
N SER A 516 24.91 -14.35 26.19
CA SER A 516 24.56 -15.75 26.42
C SER A 516 23.09 -16.03 26.07
N PRO A 517 22.76 -16.14 24.76
CA PRO A 517 21.37 -16.20 24.37
C PRO A 517 20.64 -17.53 24.57
N ASP A 518 19.40 -17.46 25.02
CA ASP A 518 18.42 -18.50 24.84
C ASP A 518 17.52 -17.91 23.77
N PHE A 519 17.52 -18.56 22.61
CA PHE A 519 16.84 -18.04 21.43
C PHE A 519 15.31 -18.08 21.54
N SER A 520 14.78 -18.70 22.60
CA SER A 520 13.32 -18.72 22.87
C SER A 520 12.89 -17.71 23.93
N PHE A 521 13.85 -17.04 24.57
CA PHE A 521 13.58 -16.14 25.67
C PHE A 521 13.29 -14.70 25.21
N SER A 522 12.48 -14.00 26.00
CA SER A 522 12.14 -12.61 25.76
C SER A 522 13.03 -11.70 26.64
N TYR A 523 14.13 -11.21 26.08
CA TYR A 523 15.02 -10.21 26.72
C TYR A 523 14.41 -8.81 26.78
N PHE A 524 13.62 -8.44 25.78
CA PHE A 524 12.93 -7.14 25.71
C PHE A 524 11.49 -7.38 25.24
N THR A 525 10.58 -6.54 25.71
CA THR A 525 9.26 -6.45 25.08
C THR A 525 9.14 -5.10 24.37
N LEU A 526 8.49 -5.12 23.21
CA LEU A 526 8.24 -3.91 22.46
C LEU A 526 7.17 -3.08 23.13
N ASP A 527 7.32 -1.76 23.06
CA ASP A 527 6.29 -0.85 23.55
C ASP A 527 5.85 0.00 22.38
N ASP A 528 4.58 0.00 22.05
CA ASP A 528 4.11 0.77 20.91
C ASP A 528 2.92 1.60 21.37
N SER A 529 3.07 2.92 21.28
CA SER A 529 2.06 3.89 21.77
C SER A 529 0.88 4.03 20.80
N ARG A 530 1.05 3.58 19.55
CA ARG A 530 0.02 3.88 18.54
C ARG A 530 -0.55 2.65 17.86
N TRP A 531 -0.19 1.46 18.31
CA TRP A 531 -0.84 0.25 17.81
C TRP A 531 -0.90 -0.83 18.89
N PRO A 532 -2.10 -1.41 19.14
CA PRO A 532 -3.39 -1.04 18.50
C PRO A 532 -3.90 0.34 18.92
N GLY A 533 -3.32 0.89 19.98
CA GLY A 533 -3.61 2.24 20.46
C GLY A 533 -4.52 2.31 21.67
N SER A 534 -4.45 3.47 22.33
CA SER A 534 -5.20 3.72 23.55
C SER A 534 -6.67 3.69 23.18
N GLY A 535 -7.45 2.95 23.97
CA GLY A 535 -8.89 2.81 23.73
C GLY A 535 -9.25 1.75 22.72
N VAL A 536 -8.22 1.11 22.14
CA VAL A 536 -8.45 0.02 21.18
C VAL A 536 -8.15 -1.32 21.87
N GLU A 537 -6.95 -1.44 22.43
N GLU A 537 -6.94 -1.44 22.42
CA GLU A 537 -6.54 -2.64 23.18
CA GLU A 537 -6.57 -2.62 23.20
C GLU A 537 -5.64 -2.21 24.34
C GLU A 537 -5.73 -2.12 24.37
N ASP A 538 -5.87 -2.80 25.51
CA ASP A 538 -4.99 -2.55 26.65
C ASP A 538 -3.86 -3.56 26.52
N SER A 539 -2.79 -3.15 25.85
CA SER A 539 -1.74 -4.08 25.39
C SER A 539 -0.37 -3.78 25.99
N ARG A 540 -0.18 -2.54 26.45
CA ARG A 540 1.12 -2.03 26.89
C ARG A 540 1.46 -2.44 28.31
N THR A 541 2.73 -2.72 28.54
CA THR A 541 3.22 -3.05 29.87
C THR A 541 3.63 -1.79 30.62
N THR A 542 3.30 -1.75 31.90
CA THR A 542 3.79 -0.70 32.79
C THR A 542 5.15 -1.10 33.34
N ILE A 543 6.08 -0.17 33.33
CA ILE A 543 7.39 -0.37 33.99
C ILE A 543 7.13 -0.23 35.52
N ILE A 544 7.28 -1.35 36.21
CA ILE A 544 7.05 -1.39 37.67
C ILE A 544 8.34 -1.17 38.48
N LEU A 545 8.35 -0.04 39.17
CA LEU A 545 9.47 0.38 39.99
C LEU A 545 9.00 0.58 41.44
N GLY A 546 9.93 0.48 42.39
CA GLY A 546 9.57 0.70 43.80
C GLY A 546 10.77 0.45 44.65
N GLU A 547 10.84 1.17 45.75
CA GLU A 547 11.93 1.04 46.73
C GLU A 547 12.10 -0.41 47.21
N ASP A 548 10.98 -1.12 47.29
CA ASP A 548 10.99 -2.50 47.80
C ASP A 548 10.87 -3.56 46.71
N ILE A 549 11.19 -3.22 45.46
CA ILE A 549 11.14 -4.21 44.38
C ILE A 549 12.22 -4.02 43.30
N LEU A 550 12.35 -2.79 42.79
CA LEU A 550 13.26 -2.53 41.67
C LEU A 550 13.45 -1.03 41.49
N PRO A 551 14.69 -0.53 41.67
CA PRO A 551 14.86 0.90 41.57
C PRO A 551 14.90 1.49 40.15
N SER A 552 15.28 0.69 39.16
CA SER A 552 15.52 1.27 37.83
C SER A 552 15.29 0.24 36.71
N LYS A 553 15.17 0.76 35.49
CA LYS A 553 14.88 -0.04 34.30
C LYS A 553 15.57 0.56 33.07
N HIS A 554 16.27 -0.32 32.32
CA HIS A 554 16.82 0.02 31.01
C HIS A 554 15.75 -0.07 29.89
N VAL A 555 15.79 0.95 29.01
CA VAL A 555 14.99 0.96 27.78
C VAL A 555 15.94 1.24 26.61
N VAL A 556 15.59 0.77 25.40
CA VAL A 556 16.41 1.00 24.20
C VAL A 556 15.49 1.47 23.04
N MET A 557 15.96 2.47 22.31
CA MET A 557 15.31 2.93 21.08
C MET A 557 16.11 2.54 19.83
N HIS A 558 15.38 2.09 18.80
CA HIS A 558 15.97 1.84 17.46
C HIS A 558 15.49 2.86 16.44
N ASN A 559 16.42 3.30 15.57
CA ASN A 559 16.11 4.22 14.50
C ASN A 559 16.43 3.59 13.13
N THR A 560 15.40 3.14 12.40
CA THR A 560 15.66 2.44 11.11
C THR A 560 16.13 3.38 10.00
N LEU A 561 15.95 4.71 10.16
CA LEU A 561 16.36 5.67 9.11
C LEU A 561 17.87 5.95 9.12
N PRO A 562 18.47 6.20 7.95
CA PRO A 562 19.92 6.44 7.88
C PRO A 562 20.41 7.88 8.19
N HIS A 563 19.80 8.53 9.17
CA HIS A 563 20.31 9.83 9.65
C HIS A 563 20.08 9.87 11.14
N TRP A 564 20.88 10.65 11.86
CA TRP A 564 20.67 10.90 13.31
C TRP A 564 19.25 11.44 13.50
N ARG A 565 18.54 10.94 14.50
CA ARG A 565 17.15 11.37 14.72
C ARG A 565 16.86 11.60 16.21
N GLU A 566 16.21 12.72 16.51
CA GLU A 566 15.56 12.94 17.81
C GLU A 566 14.04 12.78 17.68
N GLN A 567 13.41 12.21 18.69
CA GLN A 567 11.95 12.07 18.74
C GLN A 567 11.54 11.91 20.20
N LEU A 568 10.45 12.55 20.59
CA LEU A 568 9.91 12.24 21.93
C LEU A 568 9.44 10.80 21.99
N VAL A 569 9.73 10.12 23.09
CA VAL A 569 9.22 8.77 23.33
C VAL A 569 8.51 8.73 24.70
N ASP A 570 7.55 7.83 24.86
CA ASP A 570 6.82 7.73 26.14
C ASP A 570 6.71 6.29 26.63
N PHE A 571 6.68 6.10 27.94
CA PHE A 571 6.51 4.79 28.55
C PHE A 571 5.52 4.92 29.70
N TYR A 572 4.81 3.86 30.02
CA TYR A 572 3.99 3.79 31.25
C TYR A 572 4.88 3.36 32.39
N VAL A 573 4.76 4.06 33.53
CA VAL A 573 5.52 3.78 34.76
C VAL A 573 4.59 3.78 35.98
N SER A 574 4.97 3.03 37.00
CA SER A 574 4.09 2.83 38.18
C SER A 574 4.19 3.93 39.24
N SER A 575 5.04 4.93 39.01
CA SER A 575 5.18 6.10 39.88
C SER A 575 5.35 7.38 39.07
N PRO A 576 4.85 8.53 39.57
CA PRO A 576 5.18 9.78 38.88
C PRO A 576 6.61 10.29 39.16
N PHE A 577 7.29 9.72 40.16
CA PHE A 577 8.59 10.26 40.57
C PHE A 577 9.73 9.48 39.91
N VAL A 578 9.89 9.74 38.61
CA VAL A 578 10.84 8.97 37.80
C VAL A 578 11.72 9.96 37.05
N SER A 579 13.01 9.66 36.97
CA SER A 579 13.89 10.48 36.16
C SER A 579 14.65 9.63 35.15
N VAL A 580 15.15 10.32 34.14
CA VAL A 580 15.80 9.67 32.98
C VAL A 580 17.26 10.10 32.90
N THR A 581 18.13 9.10 32.62
CA THR A 581 19.56 9.30 32.35
C THR A 581 19.96 8.55 31.05
N ASP A 582 21.00 9.02 30.37
CA ASP A 582 21.60 8.25 29.24
C ASP A 582 22.62 7.24 29.80
N LEU A 583 23.30 6.46 28.96
CA LEU A 583 24.20 5.48 29.60
C LEU A 583 25.59 6.07 29.87
N ALA A 584 25.71 7.40 29.86
CA ALA A 584 26.84 8.04 30.54
C ALA A 584 26.37 8.69 31.84
N ASN A 585 25.16 8.33 32.27
CA ASN A 585 24.57 8.88 33.50
C ASN A 585 24.28 10.39 33.44
N ASN A 586 24.19 10.95 32.24
CA ASN A 586 23.83 12.38 32.00
C ASN A 586 22.32 12.51 32.19
N PRO A 587 21.85 13.46 33.04
CA PRO A 587 20.39 13.68 33.14
C PRO A 587 19.75 14.01 31.80
N VAL A 588 18.51 13.54 31.60
CA VAL A 588 17.75 13.89 30.40
C VAL A 588 16.44 14.50 30.86
N GLU A 589 16.10 15.65 30.29
CA GLU A 589 14.89 16.35 30.69
C GLU A 589 13.66 15.48 30.35
N ALA A 590 12.71 15.38 31.27
CA ALA A 590 11.53 14.52 31.11
C ALA A 590 10.25 15.24 31.56
N GLN A 591 9.11 14.76 31.08
CA GLN A 591 7.80 15.28 31.48
C GLN A 591 6.96 14.10 31.88
N VAL A 592 6.23 14.22 33.00
CA VAL A 592 5.24 13.22 33.38
C VAL A 592 3.82 13.77 33.20
N SER A 593 2.93 12.93 32.64
CA SER A 593 1.51 13.25 32.38
C SER A 593 0.66 12.09 32.92
N PRO A 594 -0.63 12.32 33.19
CA PRO A 594 -1.48 11.19 33.57
C PRO A 594 -1.76 10.21 32.43
N VAL A 595 -2.29 9.03 32.76
CA VAL A 595 -2.83 8.14 31.73
C VAL A 595 -4.35 8.34 31.66
N TRP A 596 -4.85 8.89 30.56
CA TRP A 596 -6.24 9.24 30.40
C TRP A 596 -6.91 8.22 29.48
N SER A 597 -8.07 7.70 29.87
CA SER A 597 -8.88 6.86 28.99
C SER A 597 -10.28 7.42 28.85
N TRP A 598 -10.84 7.28 27.67
CA TRP A 598 -12.14 7.84 27.38
C TRP A 598 -13.23 6.77 27.44
N HIS A 599 -14.36 7.12 28.04
CA HIS A 599 -15.42 6.16 28.22
C HIS A 599 -16.77 6.69 27.78
N HIS A 600 -17.54 5.82 27.13
CA HIS A 600 -18.91 6.15 26.82
C HIS A 600 -19.71 5.76 28.05
N ASP A 601 -20.10 6.77 28.81
CA ASP A 601 -20.77 6.54 30.07
C ASP A 601 -22.24 6.30 29.73
N THR A 602 -22.68 5.04 29.80
CA THR A 602 -24.08 4.69 29.48
C THR A 602 -25.06 5.08 30.57
N LEU A 603 -24.56 5.58 31.70
CA LEU A 603 -25.40 6.13 32.77
C LEU A 603 -25.71 7.61 32.54
N THR A 604 -24.65 8.44 32.45
CA THR A 604 -24.80 9.87 32.27
C THR A 604 -25.01 10.27 30.81
N LYS A 605 -24.80 9.32 29.90
CA LYS A 605 -24.92 9.55 28.45
C LYS A 605 -23.92 10.62 27.97
N THR A 606 -22.69 10.54 28.49
CA THR A 606 -21.62 11.46 28.07
C THR A 606 -20.38 10.67 27.73
N ILE A 607 -19.51 11.25 26.91
CA ILE A 607 -18.21 10.66 26.60
C ILE A 607 -17.15 11.50 27.33
N HIS A 608 -16.43 10.90 28.29
CA HIS A 608 -15.56 11.70 29.17
C HIS A 608 -14.36 10.90 29.63
N PRO A 609 -13.26 11.57 30.01
CA PRO A 609 -12.03 10.86 30.37
C PRO A 609 -11.88 10.52 31.85
N GLN A 610 -11.26 9.37 32.09
CA GLN A 610 -10.91 8.93 33.44
C GLN A 610 -9.40 8.83 33.53
N GLY A 611 -8.85 9.30 34.66
CA GLY A 611 -7.41 9.25 34.88
C GLY A 611 -7.01 8.06 35.73
N SER A 612 -5.88 7.42 35.40
CA SER A 612 -5.41 6.30 36.19
C SER A 612 -4.93 6.77 37.55
N THR A 613 -5.18 5.91 38.55
CA THR A 613 -4.69 6.13 39.90
C THR A 613 -3.39 5.33 40.19
N THR A 614 -2.97 4.51 39.21
CA THR A 614 -1.91 3.50 39.38
C THR A 614 -0.72 3.63 38.39
N LYS A 615 -1.01 4.12 37.17
CA LYS A 615 0.01 4.29 36.10
C LYS A 615 0.14 5.75 35.65
N TYR A 616 1.31 6.09 35.13
CA TYR A 616 1.62 7.45 34.67
C TYR A 616 2.41 7.36 33.37
N ARG A 617 2.43 8.42 32.57
CA ARG A 617 3.25 8.48 31.35
C ARG A 617 4.52 9.28 31.59
N ILE A 618 5.70 8.75 31.27
CA ILE A 618 6.90 9.58 31.25
C ILE A 618 7.35 9.77 29.80
N ILE A 619 7.74 11.00 29.46
CA ILE A 619 8.06 11.43 28.10
C ILE A 619 9.45 12.08 28.10
N PHE A 620 10.32 11.73 27.15
CA PHE A 620 11.59 12.41 27.02
C PHE A 620 12.08 12.32 25.58
N LYS A 621 13.04 13.17 25.24
CA LYS A 621 13.61 13.18 23.88
C LYS A 621 14.71 12.15 23.75
N ALA A 622 14.51 11.16 22.86
CA ALA A 622 15.57 10.20 22.56
C ALA A 622 16.36 10.65 21.34
N ARG A 623 17.68 10.46 21.36
CA ARG A 623 18.56 10.80 20.24
C ARG A 623 19.28 9.55 19.84
N VAL A 624 19.08 9.15 18.58
CA VAL A 624 19.50 7.81 18.12
C VAL A 624 20.32 7.88 16.81
N PRO A 625 21.43 7.08 16.75
CA PRO A 625 22.28 7.09 15.54
C PRO A 625 21.54 6.62 14.26
N PRO A 626 22.13 6.92 13.10
CA PRO A 626 21.59 6.39 11.83
C PRO A 626 21.57 4.86 11.91
N MET A 627 20.41 4.26 11.60
CA MET A 627 20.26 2.77 11.56
C MET A 627 20.84 2.15 12.84
N GLY A 628 20.56 2.80 13.98
CA GLY A 628 21.24 2.45 15.24
C GLY A 628 20.34 2.33 16.46
N LEU A 629 21.01 2.21 17.62
CA LEU A 629 20.34 1.98 18.93
C LEU A 629 20.90 2.93 20.00
N ALA A 630 20.02 3.30 20.94
CA ALA A 630 20.44 4.17 22.07
C ALA A 630 19.75 3.70 23.35
N THR A 631 20.53 3.52 24.41
CA THR A 631 20.03 3.02 25.72
C THR A 631 19.83 4.16 26.76
N TYR A 632 18.71 4.08 27.48
CA TYR A 632 18.43 5.06 28.56
C TYR A 632 17.99 4.30 29.78
N VAL A 633 17.99 5.01 30.92
CA VAL A 633 17.65 4.39 32.18
C VAL A 633 16.58 5.22 32.90
N LEU A 634 15.57 4.53 33.41
CA LEU A 634 14.46 5.16 34.18
C LEU A 634 14.62 4.79 35.66
N THR A 635 14.73 5.80 36.56
CA THR A 635 14.99 5.53 37.99
C THR A 635 13.94 6.20 38.89
N ILE A 636 13.43 5.44 39.86
CA ILE A 636 12.44 6.00 40.80
C ILE A 636 13.12 6.80 41.92
N SER A 637 12.42 7.80 42.44
CA SER A 637 12.86 8.51 43.65
C SER A 637 11.68 8.73 44.58
N ASP A 638 11.93 9.21 45.79
CA ASP A 638 10.84 9.37 46.79
C ASP A 638 9.95 10.59 46.50
N SER A 639 10.52 11.57 45.79
CA SER A 639 9.85 12.84 45.54
C SER A 639 10.21 13.39 44.16
N LYS A 640 9.60 14.52 43.78
CA LYS A 640 9.88 15.17 42.49
C LYS A 640 11.38 15.25 42.16
N PRO A 641 11.79 14.60 41.05
CA PRO A 641 13.15 14.70 40.51
C PRO A 641 13.48 16.09 39.96
N GLU A 642 14.75 16.49 40.04
CA GLU A 642 15.19 17.79 39.49
C GLU A 642 14.91 18.04 38.00
N HIS A 643 15.07 16.97 37.19
CA HIS A 643 15.00 17.08 35.72
C HIS A 643 13.69 16.57 35.12
N THR A 644 12.67 16.37 35.96
CA THR A 644 11.33 15.96 35.52
C THR A 644 10.28 17.02 35.90
N SER A 645 9.49 17.46 34.91
CA SER A 645 8.33 18.36 35.13
C SER A 645 7.01 17.59 35.04
N TYR A 646 5.92 18.21 35.47
CA TYR A 646 4.59 17.62 35.50
C TYR A 646 3.60 18.51 34.76
N ALA A 647 2.86 17.91 33.83
CA ALA A 647 1.85 18.62 33.07
C ALA A 647 0.69 19.12 33.93
N SER A 648 0.12 20.25 33.53
CA SER A 648 -1.17 20.68 34.09
C SER A 648 -2.29 20.05 33.26
N ASN A 649 -3.46 19.92 33.84
CA ASN A 649 -4.62 19.32 33.18
C ASN A 649 -5.88 20.15 33.49
N LEU A 650 -6.65 20.44 32.46
CA LEU A 650 -7.87 21.23 32.56
C LEU A 650 -9.00 20.52 31.85
N LEU A 651 -10.04 20.17 32.57
CA LEU A 651 -11.25 19.56 32.02
C LEU A 651 -12.36 20.58 31.81
N LEU A 652 -12.77 20.79 30.56
CA LEU A 652 -13.75 21.80 30.21
C LEU A 652 -15.08 21.15 29.90
N ARG A 653 -16.05 21.40 30.78
CA ARG A 653 -17.38 20.83 30.67
C ARG A 653 -18.30 21.49 31.71
N LYS A 654 -19.57 21.60 31.38
CA LYS A 654 -20.54 21.93 32.42
C LYS A 654 -20.82 20.64 33.23
N ASN A 655 -21.11 20.82 34.50
CA ASN A 655 -21.40 19.72 35.43
C ASN A 655 -20.20 18.77 35.68
N PRO A 656 -19.03 19.34 36.06
CA PRO A 656 -17.85 18.49 36.30
C PRO A 656 -17.92 17.76 37.63
N THR A 657 -17.21 16.64 37.70
CA THR A 657 -17.02 15.94 38.95
C THR A 657 -15.50 15.74 39.09
N SER A 658 -15.05 15.50 40.33
CA SER A 658 -13.63 15.38 40.64
C SER A 658 -12.93 14.30 39.80
N LEU A 659 -11.61 14.50 39.61
CA LEU A 659 -10.73 13.55 38.87
C LEU A 659 -9.41 13.37 39.64
N PRO A 660 -9.39 12.44 40.61
CA PRO A 660 -8.21 12.18 41.45
C PRO A 660 -7.13 11.44 40.65
N LEU A 661 -5.86 11.70 40.94
CA LEU A 661 -4.77 11.13 40.13
C LEU A 661 -3.66 10.47 40.97
N GLY A 662 -4.01 10.02 42.18
CA GLY A 662 -3.04 9.38 43.11
C GLY A 662 -1.87 10.31 43.47
N GLN A 663 -0.65 9.83 43.23
CA GLN A 663 0.56 10.55 43.63
C GLN A 663 0.90 11.71 42.70
N TYR A 664 0.20 11.79 41.57
CA TYR A 664 0.45 12.86 40.60
C TYR A 664 0.44 14.22 41.32
N PRO A 665 1.56 14.96 41.28
CA PRO A 665 1.70 16.15 42.15
C PRO A 665 0.77 17.35 41.83
N GLU A 666 0.11 17.37 40.67
CA GLU A 666 -0.67 18.55 40.26
C GLU A 666 -2.17 18.20 40.18
N ASP A 667 -3.00 19.02 40.84
CA ASP A 667 -4.44 18.79 40.84
C ASP A 667 -5.10 19.20 39.50
N VAL A 668 -6.02 18.36 39.02
CA VAL A 668 -6.80 18.67 37.82
C VAL A 668 -7.64 19.90 38.10
N LYS A 669 -7.68 20.78 37.11
CA LYS A 669 -8.50 22.04 37.10
C LYS A 669 -9.73 21.90 36.21
N PHE A 670 -10.80 22.63 36.52
CA PHE A 670 -12.08 22.51 35.80
C PHE A 670 -12.58 23.87 35.32
N GLY A 671 -13.47 23.87 34.33
CA GLY A 671 -13.99 25.13 33.78
C GLY A 671 -15.10 24.89 32.80
N ASP A 672 -15.92 25.92 32.54
CA ASP A 672 -16.93 25.81 31.50
C ASP A 672 -16.21 25.82 30.14
N PRO A 673 -16.81 25.17 29.12
CA PRO A 673 -16.19 25.24 27.78
C PRO A 673 -15.85 26.66 27.34
N ARG A 674 -14.72 26.80 26.67
CA ARG A 674 -14.19 28.08 26.25
C ARG A 674 -13.19 27.85 25.13
C ARG A 674 -13.07 27.88 25.22
N GLU A 675 -12.87 28.91 24.40
CA GLU A 675 -11.75 28.90 23.46
C GLU A 675 -10.41 28.90 24.17
N ILE A 676 -9.44 28.19 23.60
CA ILE A 676 -8.11 28.17 24.19
C ILE A 676 -7.01 28.21 23.15
N SER A 677 -5.83 28.65 23.58
CA SER A 677 -4.65 28.72 22.74
C SER A 677 -3.49 28.01 23.44
N LEU A 678 -2.65 27.35 22.64
CA LEU A 678 -1.49 26.61 23.13
C LEU A 678 -0.28 26.82 22.24
N ARG A 679 0.89 26.84 22.86
CA ARG A 679 2.20 26.88 22.18
C ARG A 679 3.21 26.01 22.95
N VAL A 680 3.87 25.09 22.24
CA VAL A 680 4.97 24.32 22.79
C VAL A 680 6.26 24.79 22.13
N GLY A 681 7.27 25.00 22.97
CA GLY A 681 8.57 25.59 22.58
C GLY A 681 8.43 26.85 21.77
N ASN A 682 9.17 26.87 20.67
CA ASN A 682 9.21 27.97 19.71
C ASN A 682 8.30 27.67 18.53
N GLY A 683 7.44 26.66 18.72
CA GLY A 683 6.69 26.10 17.62
C GLY A 683 5.49 26.97 17.30
N PRO A 684 4.56 26.45 16.50
CA PRO A 684 3.36 27.24 16.20
C PRO A 684 2.43 27.40 17.40
N THR A 685 1.58 28.43 17.34
CA THR A 685 0.54 28.67 18.34
C THR A 685 -0.78 28.24 17.69
N LEU A 686 -1.48 27.33 18.37
CA LEU A 686 -2.73 26.78 17.87
C LEU A 686 -3.90 27.27 18.70
N ALA A 687 -4.94 27.70 18.01
CA ALA A 687 -6.18 28.11 18.68
C ALA A 687 -7.29 27.11 18.44
N PHE A 688 -8.10 26.83 19.48
CA PHE A 688 -9.19 25.85 19.42
C PHE A 688 -10.53 26.45 19.78
N SER A 689 -11.59 25.95 19.16
CA SER A 689 -12.97 26.33 19.49
C SER A 689 -13.35 25.75 20.87
N GLU A 690 -14.47 26.22 21.40
CA GLU A 690 -15.03 25.67 22.65
C GLU A 690 -15.43 24.18 22.55
N GLN A 691 -15.52 23.66 21.31
CA GLN A 691 -15.76 22.22 21.10
C GLN A 691 -14.47 21.40 20.94
N GLY A 692 -13.33 22.02 21.18
CA GLY A 692 -12.04 21.29 21.18
C GLY A 692 -11.45 21.03 19.80
N LEU A 693 -11.92 21.75 18.79
CA LEU A 693 -11.43 21.61 17.39
C LEU A 693 -10.58 22.77 16.95
N LEU A 694 -9.50 22.49 16.22
CA LEU A 694 -8.62 23.50 15.69
C LEU A 694 -9.39 24.56 14.91
N LYS A 695 -9.06 25.82 15.18
CA LYS A 695 -9.62 26.93 14.38
C LYS A 695 -8.55 27.81 13.71
N SER A 696 -7.32 27.87 14.21
CA SER A 696 -6.26 28.63 13.54
C SER A 696 -4.85 28.18 13.93
N ILE A 697 -3.86 28.50 13.07
CA ILE A 697 -2.45 28.24 13.31
C ILE A 697 -1.69 29.54 13.10
N GLN A 698 -0.88 29.93 14.07
CA GLN A 698 0.01 31.06 13.91
C GLN A 698 1.42 30.54 13.92
N LEU A 699 2.11 30.68 12.78
CA LEU A 699 3.41 30.06 12.61
C LEU A 699 4.50 30.63 13.53
N THR A 700 4.56 31.95 13.64
CA THR A 700 5.58 32.63 14.46
C THR A 700 4.95 33.74 15.27
N GLN A 701 5.75 34.35 16.16
CA GLN A 701 5.31 35.45 17.03
C GLN A 701 4.60 36.59 16.29
N ASP A 702 5.19 37.05 15.19
CA ASP A 702 4.64 38.18 14.43
C ASP A 702 3.47 37.82 13.51
N SER A 703 3.46 36.59 13.02
CA SER A 703 2.60 36.16 11.91
C SER A 703 1.10 36.14 12.17
N PRO A 704 0.28 36.14 11.09
CA PRO A 704 -1.17 36.05 11.21
C PRO A 704 -1.67 34.72 11.81
N HIS A 705 -2.83 34.76 12.44
CA HIS A 705 -3.57 33.56 12.84
C HIS A 705 -4.32 33.06 11.60
N VAL A 706 -3.74 32.07 10.93
CA VAL A 706 -4.30 31.54 9.68
C VAL A 706 -5.49 30.61 9.98
N PRO A 707 -6.69 30.90 9.43
CA PRO A 707 -7.86 30.03 9.62
C PRO A 707 -7.63 28.64 9.04
N VAL A 708 -7.74 27.65 9.92
CA VAL A 708 -7.55 26.22 9.59
C VAL A 708 -8.54 25.52 10.55
N HIS A 709 -9.67 25.05 10.04
CA HIS A 709 -10.72 24.54 10.92
C HIS A 709 -10.98 23.07 10.64
N PHE A 710 -10.93 22.24 11.71
CA PHE A 710 -11.35 20.82 11.64
C PHE A 710 -12.87 20.69 11.83
N LYS A 711 -13.52 19.85 11.04
CA LYS A 711 -14.96 19.60 11.17
C LYS A 711 -15.23 18.14 10.81
N PHE A 712 -16.12 17.49 11.54
CA PHE A 712 -16.58 16.16 11.23
C PHE A 712 -17.96 16.15 10.60
N LEU A 713 -18.15 15.34 9.54
CA LEU A 713 -19.41 15.30 8.80
C LEU A 713 -19.76 13.86 8.48
N LYS A 714 -20.97 13.61 8.02
CA LYS A 714 -21.43 12.29 7.64
C LYS A 714 -22.07 12.24 6.25
N TYR A 715 -21.68 11.20 5.49
CA TYR A 715 -22.38 10.85 4.27
C TYR A 715 -23.37 9.73 4.56
N GLY A 716 -24.45 9.66 3.78
CA GLY A 716 -25.42 8.59 3.91
C GLY A 716 -25.47 7.75 2.63
N VAL A 717 -26.53 6.96 2.48
CA VAL A 717 -26.72 6.02 1.36
C VAL A 717 -28.03 6.35 0.65
N ARG A 718 -28.10 6.11 -0.66
CA ARG A 718 -29.32 6.39 -1.45
C ARG A 718 -30.46 5.47 -1.10
N SER A 719 -31.64 6.07 -1.03
CA SER A 719 -32.83 5.34 -0.62
C SER A 719 -33.46 4.57 -1.78
N HIS A 720 -33.12 4.97 -3.01
CA HIS A 720 -33.50 4.24 -4.23
C HIS A 720 -32.32 4.13 -5.20
N GLY A 721 -32.36 3.12 -6.06
CA GLY A 721 -31.26 2.86 -7.00
C GLY A 721 -30.09 2.16 -6.33
N ASP A 722 -28.90 2.32 -6.92
CA ASP A 722 -27.71 1.55 -6.46
C ASP A 722 -27.23 2.00 -5.08
N ARG A 723 -26.86 1.00 -4.25
CA ARG A 723 -26.41 1.24 -2.87
C ARG A 723 -24.89 1.17 -2.72
N SER A 724 -24.33 2.08 -1.91
CA SER A 724 -22.94 1.96 -1.44
C SER A 724 -22.69 0.62 -0.79
N GLY A 725 -21.48 0.09 -0.96
CA GLY A 725 -21.06 -1.17 -0.29
C GLY A 725 -19.54 -1.14 -0.11
N ALA A 726 -18.91 -2.31 0.06
CA ALA A 726 -17.47 -2.40 0.26
C ALA A 726 -16.64 -1.75 -0.87
N TYR A 727 -17.15 -1.86 -2.11
CA TYR A 727 -16.46 -1.28 -3.27
C TYR A 727 -16.87 0.14 -3.63
N LEU A 728 -18.19 0.37 -3.72
CA LEU A 728 -18.77 1.59 -4.32
C LEU A 728 -19.12 2.64 -3.28
N PHE A 729 -18.84 3.91 -3.59
CA PHE A 729 -19.21 5.08 -2.79
C PHE A 729 -20.28 5.80 -3.60
N LEU A 730 -21.53 5.68 -3.14
CA LEU A 730 -22.70 6.27 -3.80
C LEU A 730 -23.48 7.15 -2.84
N PRO A 731 -22.90 8.31 -2.48
CA PRO A 731 -23.51 9.13 -1.43
C PRO A 731 -24.86 9.73 -1.86
N ASN A 732 -25.71 9.99 -0.86
CA ASN A 732 -26.98 10.69 -1.09
C ASN A 732 -26.78 12.19 -0.95
N GLY A 733 -25.90 12.75 -1.75
CA GLY A 733 -25.59 14.16 -1.64
C GLY A 733 -24.37 14.48 -0.78
N PRO A 734 -23.99 15.77 -0.74
CA PRO A 734 -22.89 16.24 0.10
C PRO A 734 -23.14 15.90 1.56
N ALA A 735 -22.04 15.78 2.30
CA ALA A 735 -22.08 15.41 3.71
C ALA A 735 -22.76 16.48 4.59
N SER A 736 -23.32 16.02 5.71
CA SER A 736 -23.99 16.86 6.71
C SER A 736 -23.19 16.88 8.00
N PRO A 737 -23.09 18.05 8.67
CA PRO A 737 -22.32 18.10 9.93
C PRO A 737 -22.78 17.09 10.98
N VAL A 738 -21.82 16.44 11.65
CA VAL A 738 -22.13 15.69 12.87
C VAL A 738 -22.64 16.67 13.95
N GLU A 739 -23.73 16.31 14.62
CA GLU A 739 -24.27 17.14 15.70
C GLU A 739 -23.46 16.86 16.94
N LEU A 740 -22.75 17.87 17.43
CA LEU A 740 -21.73 17.67 18.48
C LEU A 740 -22.23 17.73 19.92
N GLY A 741 -23.40 18.34 20.12
CA GLY A 741 -23.87 18.63 21.48
C GLY A 741 -22.93 19.57 22.22
N GLN A 742 -22.69 19.30 23.51
CA GLN A 742 -21.71 20.09 24.28
C GLN A 742 -20.58 19.16 24.75
N PRO A 743 -19.62 18.86 23.86
CA PRO A 743 -18.67 17.80 24.22
C PRO A 743 -17.67 18.16 25.33
N VAL A 744 -17.16 17.11 25.98
CA VAL A 744 -16.15 17.27 27.06
C VAL A 744 -14.75 17.42 26.44
N VAL A 745 -14.02 18.46 26.81
CA VAL A 745 -12.70 18.78 26.23
C VAL A 745 -11.63 18.70 27.32
N LEU A 746 -10.55 17.97 27.11
CA LEU A 746 -9.45 17.85 28.04
C LEU A 746 -8.16 18.51 27.50
N VAL A 747 -7.59 19.44 28.25
CA VAL A 747 -6.39 20.17 27.85
C VAL A 747 -5.24 19.77 28.77
N THR A 748 -4.15 19.24 28.21
CA THR A 748 -2.98 18.90 28.99
C THR A 748 -1.85 19.81 28.51
N LYS A 749 -1.22 20.55 29.43
CA LYS A 749 -0.17 21.52 29.09
C LYS A 749 1.13 21.14 29.77
N GLY A 750 2.14 20.88 28.94
CA GLY A 750 3.44 20.44 29.43
C GLY A 750 4.57 21.19 28.74
N LYS A 751 5.77 21.12 29.32
CA LYS A 751 6.93 21.79 28.73
C LYS A 751 7.37 21.12 27.41
N LEU A 752 7.21 19.80 27.33
CA LEU A 752 7.65 18.99 26.17
C LEU A 752 6.51 18.58 25.23
N GLU A 753 5.33 18.38 25.79
CA GLU A 753 4.17 17.91 25.03
C GLU A 753 2.90 18.48 25.63
N SER A 754 2.05 19.04 24.77
CA SER A 754 0.71 19.49 25.17
C SER A 754 -0.34 18.87 24.25
N SER A 755 -1.61 18.88 24.65
CA SER A 755 -2.65 18.29 23.81
CA SER A 755 -2.66 18.15 23.93
C SER A 755 -4.05 18.78 24.15
N VAL A 756 -4.91 18.75 23.16
CA VAL A 756 -6.33 19.00 23.33
C VAL A 756 -7.09 17.76 22.82
N SER A 757 -7.94 17.16 23.64
CA SER A 757 -8.69 15.97 23.26
C SER A 757 -10.18 16.22 23.49
N VAL A 758 -11.05 15.79 22.60
CA VAL A 758 -12.49 15.99 22.76
C VAL A 758 -13.27 14.72 22.42
N GLY A 759 -14.25 14.35 23.23
CA GLY A 759 -15.09 13.18 23.00
C GLY A 759 -16.31 13.52 22.13
N LEU A 760 -16.23 13.28 20.82
CA LEU A 760 -17.30 13.58 19.85
C LEU A 760 -18.08 12.30 19.58
N PRO A 761 -19.30 12.39 19.06
CA PRO A 761 -20.01 11.17 18.66
C PRO A 761 -19.18 10.40 17.60
N SER A 762 -18.86 9.14 17.92
CA SER A 762 -18.07 8.21 17.10
C SER A 762 -16.59 8.48 17.01
N VAL A 763 -16.10 9.58 17.58
CA VAL A 763 -14.67 9.91 17.47
C VAL A 763 -14.08 10.62 18.70
N VAL A 764 -13.04 10.06 19.30
CA VAL A 764 -12.23 10.83 20.25
C VAL A 764 -11.12 11.47 19.41
N HIS A 765 -11.16 12.80 19.29
CA HIS A 765 -10.29 13.60 18.40
C HIS A 765 -9.24 14.29 19.28
N GLN A 766 -7.98 14.13 18.93
N GLN A 766 -7.97 14.14 18.94
CA GLN A 766 -6.86 14.62 19.71
CA GLN A 766 -6.86 14.65 19.72
C GLN A 766 -5.91 15.43 18.82
C GLN A 766 -5.81 15.37 18.88
N THR A 767 -5.46 16.59 19.29
CA THR A 767 -4.38 17.37 18.65
C THR A 767 -3.20 17.44 19.61
N ILE A 768 -2.03 16.95 19.21
CA ILE A 768 -0.86 16.90 20.06
C ILE A 768 0.25 17.80 19.52
N MET A 769 0.90 18.54 20.42
CA MET A 769 1.92 19.54 20.09
C MET A 769 3.22 19.19 20.80
N ARG A 770 4.31 19.09 20.03
CA ARG A 770 5.62 18.80 20.57
C ARG A 770 6.65 19.84 20.11
N GLY A 771 6.17 20.93 19.52
CA GLY A 771 7.05 22.02 19.09
C GLY A 771 7.20 22.21 17.60
N GLY A 772 6.61 21.32 16.80
CA GLY A 772 6.55 21.46 15.33
C GLY A 772 5.12 21.32 14.86
N ALA A 773 4.92 20.83 13.63
CA ALA A 773 3.59 20.52 13.11
C ALA A 773 2.87 19.59 14.08
N PRO A 774 1.60 19.85 14.37
CA PRO A 774 0.90 18.95 15.30
C PRO A 774 0.70 17.52 14.75
N GLU A 775 0.49 16.60 15.69
CA GLU A 775 0.04 15.23 15.39
C GLU A 775 -1.46 15.20 15.71
N ILE A 776 -2.25 14.62 14.83
CA ILE A 776 -3.67 14.39 15.05
C ILE A 776 -3.91 12.90 15.25
N ARG A 777 -4.70 12.53 16.24
CA ARG A 777 -5.11 11.13 16.44
C ARG A 777 -6.62 11.04 16.58
N ASN A 778 -7.27 10.13 15.88
CA ASN A 778 -8.72 9.95 15.98
C ASN A 778 -8.97 8.51 16.42
N LEU A 779 -9.64 8.33 17.56
CA LEU A 779 -10.10 6.98 17.94
C LEU A 779 -11.51 6.85 17.42
N VAL A 780 -11.67 6.08 16.32
CA VAL A 780 -12.92 6.07 15.55
C VAL A 780 -13.73 4.81 15.85
N ASP A 781 -14.92 4.98 16.44
CA ASP A 781 -15.82 3.86 16.70
C ASP A 781 -17.21 4.21 16.18
N ILE A 782 -17.50 3.78 14.95
CA ILE A 782 -18.76 4.11 14.28
C ILE A 782 -19.95 3.37 14.90
N GLY A 783 -19.65 2.40 15.76
CA GLY A 783 -20.69 1.77 16.61
C GLY A 783 -21.75 1.11 15.74
N SER A 784 -23.03 1.39 16.03
CA SER A 784 -24.12 0.78 15.27
C SER A 784 -24.79 1.71 14.24
N LEU A 785 -24.07 2.74 13.81
CA LEU A 785 -24.59 3.70 12.83
C LEU A 785 -24.63 3.14 11.40
N ASP A 786 -25.65 2.35 11.07
CA ASP A 786 -25.76 1.80 9.72
C ASP A 786 -25.87 2.91 8.64
N ASN A 787 -25.33 2.59 7.47
CA ASN A 787 -25.46 3.44 6.29
C ASN A 787 -24.92 4.84 6.53
N THR A 788 -23.75 4.87 7.18
CA THR A 788 -23.08 6.12 7.54
C THR A 788 -21.58 6.03 7.14
N GLU A 789 -21.06 7.10 6.54
CA GLU A 789 -19.60 7.26 6.36
C GLU A 789 -19.18 8.53 7.08
N ILE A 790 -18.17 8.46 7.96
CA ILE A 790 -17.71 9.60 8.77
C ILE A 790 -16.48 10.19 8.08
N VAL A 791 -16.53 11.49 7.79
CA VAL A 791 -15.42 12.19 7.13
C VAL A 791 -14.83 13.27 8.05
N MET A 792 -13.52 13.43 8.02
CA MET A 792 -12.86 14.55 8.68
C MET A 792 -12.48 15.58 7.59
N ARG A 793 -12.97 16.81 7.72
CA ARG A 793 -12.70 17.91 6.75
C ARG A 793 -11.87 19.00 7.40
N LEU A 794 -10.97 19.58 6.62
CA LEU A 794 -10.25 20.81 6.93
C LEU A 794 -10.74 21.95 6.05
N GLU A 795 -11.11 23.09 6.66
CA GLU A 795 -11.60 24.27 5.91
C GLU A 795 -10.59 25.39 6.06
N THR A 796 -10.10 25.92 4.94
CA THR A 796 -9.15 27.01 4.98
C THR A 796 -9.57 28.09 3.97
N HIS A 797 -8.79 29.16 3.93
CA HIS A 797 -9.17 30.11 2.86
CA HIS A 797 -8.85 30.32 3.02
C HIS A 797 -8.11 30.14 1.72
N ILE A 798 -7.22 29.11 1.70
CA ILE A 798 -6.22 28.90 0.65
C ILE A 798 -6.93 28.87 -0.70
N ASP A 799 -6.44 29.69 -1.64
CA ASP A 799 -7.06 29.82 -2.98
C ASP A 799 -6.59 28.75 -3.96
N SER A 800 -7.01 27.52 -3.68
CA SER A 800 -6.55 26.33 -4.41
C SER A 800 -7.41 26.11 -5.65
N GLY A 801 -8.63 26.64 -5.68
CA GLY A 801 -9.49 26.49 -6.83
C GLY A 801 -9.97 25.07 -6.99
N ASP A 802 -9.63 24.44 -8.10
CA ASP A 802 -10.03 23.05 -8.36
C ASP A 802 -8.84 22.08 -8.32
N ILE A 803 -7.68 22.51 -7.82
CA ILE A 803 -6.45 21.70 -7.79
C ILE A 803 -6.14 21.18 -6.38
N PHE A 804 -5.72 19.92 -6.32
CA PHE A 804 -5.18 19.32 -5.10
C PHE A 804 -4.19 18.22 -5.49
N TYR A 805 -3.48 17.71 -4.52
CA TYR A 805 -2.46 16.70 -4.77
C TYR A 805 -2.67 15.55 -3.80
N THR A 806 -2.49 14.32 -4.33
CA THR A 806 -2.56 13.11 -3.51
C THR A 806 -1.38 12.20 -3.87
N ASP A 807 -0.98 11.30 -2.98
CA ASP A 807 0.12 10.40 -3.34
C ASP A 807 -0.32 9.09 -3.97
N LEU A 808 0.66 8.48 -4.62
CA LEU A 808 0.51 7.13 -5.20
C LEU A 808 1.47 6.20 -4.51
N ASN A 809 0.88 5.28 -3.72
CA ASN A 809 1.67 4.22 -3.06
C ASN A 809 2.81 4.70 -2.16
N GLY A 810 2.68 5.94 -1.64
CA GLY A 810 3.76 6.46 -0.76
C GLY A 810 5.03 6.82 -1.52
N LEU A 811 4.96 6.86 -2.86
CA LEU A 811 6.14 7.02 -3.70
C LEU A 811 6.24 8.40 -4.38
N GLN A 812 5.11 8.98 -4.76
CA GLN A 812 5.07 10.18 -5.62
C GLN A 812 3.77 10.92 -5.37
N PHE A 813 3.77 12.24 -5.56
CA PHE A 813 2.54 13.05 -5.48
C PHE A 813 2.09 13.46 -6.87
N ILE A 814 0.82 13.24 -7.16
CA ILE A 814 0.25 13.52 -8.48
C ILE A 814 -0.80 14.63 -8.38
N LYS A 815 -0.78 15.56 -9.35
CA LYS A 815 -1.78 16.60 -9.43
C LYS A 815 -3.15 16.04 -9.77
N ARG A 816 -4.15 16.44 -8.99
CA ARG A 816 -5.58 16.15 -9.25
C ARG A 816 -6.33 17.43 -9.61
N ARG A 817 -7.34 17.29 -10.47
CA ARG A 817 -8.23 18.42 -10.71
C ARG A 817 -9.66 17.94 -10.45
N ARG A 818 -10.32 18.66 -9.53
CA ARG A 818 -11.72 18.42 -9.26
C ARG A 818 -12.54 18.72 -10.52
N LEU A 819 -13.42 17.80 -10.91
CA LEU A 819 -14.24 17.93 -12.13
C LEU A 819 -15.73 17.93 -11.79
N ASP A 820 -16.37 19.08 -11.95
CA ASP A 820 -17.78 19.20 -11.59
C ASP A 820 -18.64 18.49 -12.65
N LYS A 821 -18.04 18.11 -13.78
CA LYS A 821 -18.77 17.30 -14.76
C LYS A 821 -18.93 15.83 -14.33
N LEU A 822 -18.18 15.43 -13.29
CA LEU A 822 -18.27 14.06 -12.75
C LEU A 822 -18.94 14.12 -11.37
N PRO A 823 -19.57 13.01 -10.94
CA PRO A 823 -20.23 13.03 -9.62
C PRO A 823 -19.22 13.08 -8.45
N LEU A 824 -19.72 13.43 -7.26
CA LEU A 824 -18.90 13.56 -6.08
C LEU A 824 -17.91 12.37 -5.87
N GLN A 825 -18.41 11.14 -6.04
CA GLN A 825 -17.59 9.95 -5.73
C GLN A 825 -16.43 9.74 -6.72
N ALA A 826 -16.56 10.31 -7.93
CA ALA A 826 -15.48 10.27 -8.93
C ALA A 826 -14.32 11.17 -8.54
N ASN A 827 -14.58 12.16 -7.68
CA ASN A 827 -13.57 13.11 -7.25
C ASN A 827 -12.82 12.67 -5.98
N TYR A 828 -13.18 11.49 -5.47
CA TYR A 828 -12.44 10.83 -4.37
C TYR A 828 -11.29 9.99 -4.95
N TYR A 829 -10.12 10.09 -4.33
CA TYR A 829 -8.87 9.41 -4.74
C TYR A 829 -8.26 8.69 -3.55
N PRO A 830 -7.37 7.71 -3.81
CA PRO A 830 -6.65 7.09 -2.69
C PRO A 830 -5.75 8.14 -2.02
N ILE A 831 -5.67 8.09 -0.69
CA ILE A 831 -4.72 8.87 0.11
C ILE A 831 -3.82 7.87 0.86
N PRO A 832 -2.93 7.19 0.13
CA PRO A 832 -2.14 6.14 0.77
C PRO A 832 -1.20 6.70 1.80
N SER A 833 -0.70 7.94 1.67
CA SER A 833 0.19 8.53 2.69
C SER A 833 0.09 10.06 2.87
N GLY A 834 -0.51 10.78 1.92
CA GLY A 834 -0.64 12.22 2.12
C GLY A 834 -1.39 12.94 1.03
N MET A 835 -1.77 14.18 1.32
CA MET A 835 -2.48 15.06 0.38
C MET A 835 -2.21 16.53 0.75
N PHE A 836 -2.30 17.40 -0.26
CA PHE A 836 -2.11 18.83 0.04
C PHE A 836 -2.85 19.70 -0.93
N ILE A 837 -3.10 20.95 -0.47
CA ILE A 837 -3.59 22.05 -1.32
C ILE A 837 -2.67 23.25 -1.15
N GLU A 838 -2.60 24.06 -2.21
CA GLU A 838 -1.74 25.23 -2.14
C GLU A 838 -2.22 26.36 -3.06
N ASP A 839 -1.78 27.58 -2.71
CA ASP A 839 -1.91 28.71 -3.64
C ASP A 839 -0.53 29.32 -3.86
N ALA A 840 -0.48 30.58 -4.32
CA ALA A 840 0.84 31.17 -4.55
C ALA A 840 1.68 31.27 -3.29
N ASN A 841 1.03 31.43 -2.13
CA ASN A 841 1.76 31.73 -0.88
C ASN A 841 1.78 30.67 0.24
N THR A 842 0.72 29.85 0.30
CA THR A 842 0.41 29.00 1.46
C THR A 842 0.08 27.59 0.98
N ARG A 843 0.58 26.62 1.75
CA ARG A 843 0.26 25.18 1.54
C ARG A 843 -0.20 24.54 2.87
N LEU A 844 -1.19 23.65 2.76
CA LEU A 844 -1.58 22.80 3.88
C LEU A 844 -1.42 21.33 3.44
N THR A 845 -0.57 20.60 4.17
CA THR A 845 -0.34 19.16 3.87
C THR A 845 -0.83 18.31 5.07
N LEU A 846 -1.63 17.29 4.77
CA LEU A 846 -2.07 16.30 5.76
C LEU A 846 -1.36 14.97 5.43
N LEU A 847 -0.46 14.52 6.29
CA LEU A 847 0.21 13.18 6.14
C LEU A 847 -0.58 12.14 6.94
N THR A 848 -0.64 10.89 6.46
CA THR A 848 -1.38 9.83 7.12
C THR A 848 -0.53 8.62 7.52
N GLY A 849 -0.93 7.94 8.59
CA GLY A 849 -0.31 6.68 9.01
C GLY A 849 -1.09 5.43 8.53
N GLN A 850 -2.02 5.64 7.58
CA GLN A 850 -2.86 4.58 7.04
C GLN A 850 -3.52 5.05 5.75
N PRO A 851 -3.74 4.14 4.79
CA PRO A 851 -4.43 4.55 3.55
C PRO A 851 -5.93 4.73 3.78
N LEU A 852 -6.48 5.85 3.27
CA LEU A 852 -7.92 6.19 3.39
C LEU A 852 -8.34 6.95 2.13
N GLY A 853 -9.62 7.11 1.88
CA GLY A 853 -10.06 7.85 0.69
C GLY A 853 -10.25 9.32 0.98
N GLY A 854 -10.06 10.18 -0.02
CA GLY A 854 -10.19 11.61 0.28
C GLY A 854 -10.31 12.46 -0.96
N SER A 855 -10.47 13.79 -0.75
CA SER A 855 -10.69 14.71 -1.88
C SER A 855 -10.49 16.12 -1.41
N SER A 856 -10.67 17.05 -2.35
CA SER A 856 -10.84 18.49 -2.05
C SER A 856 -12.10 18.91 -2.86
N LEU A 857 -13.27 19.02 -2.21
CA LEU A 857 -14.55 19.20 -2.97
C LEU A 857 -14.89 20.69 -3.20
N ALA A 858 -14.08 21.55 -2.62
CA ALA A 858 -14.21 23.00 -2.80
C ALA A 858 -12.88 23.66 -2.51
N SER A 859 -12.65 24.82 -3.13
CA SER A 859 -11.44 25.54 -2.97
C SER A 859 -11.16 25.75 -1.48
N GLY A 860 -9.91 25.55 -1.06
CA GLY A 860 -9.50 25.68 0.32
C GLY A 860 -9.76 24.51 1.27
N GLU A 861 -10.41 23.45 0.76
CA GLU A 861 -10.75 22.26 1.59
C GLU A 861 -9.89 21.03 1.35
N LEU A 862 -9.69 20.24 2.41
CA LEU A 862 -9.18 18.85 2.27
C LEU A 862 -10.17 18.00 3.07
N GLU A 863 -10.42 16.76 2.64
CA GLU A 863 -11.20 15.84 3.46
C GLU A 863 -10.73 14.40 3.31
N ILE A 864 -10.91 13.62 4.38
CA ILE A 864 -10.45 12.22 4.38
C ILE A 864 -11.41 11.34 5.18
N MET A 865 -11.87 10.25 4.59
CA MET A 865 -12.86 9.38 5.24
C MET A 865 -12.20 8.59 6.37
N GLN A 866 -12.94 8.40 7.48
CA GLN A 866 -12.45 7.76 8.69
C GLN A 866 -12.92 6.30 8.79
N ASP A 867 -14.23 6.06 8.57
CA ASP A 867 -14.78 4.71 8.50
C ASP A 867 -16.14 4.77 7.81
N ARG A 868 -16.66 3.61 7.45
CA ARG A 868 -17.92 3.52 6.74
C ARG A 868 -18.59 2.19 7.14
N ARG A 869 -19.90 2.25 7.40
CA ARG A 869 -20.72 1.10 7.84
C ARG A 869 -21.93 1.06 6.94
N LEU A 870 -22.05 -0.04 6.18
CA LEU A 870 -23.01 -0.16 5.07
C LEU A 870 -23.82 -1.43 5.17
N ALA A 871 -25.13 -1.24 5.18
CA ALA A 871 -26.00 -2.38 5.40
C ALA A 871 -26.26 -3.26 4.16
N SER A 872 -26.04 -2.72 2.98
CA SER A 872 -26.36 -3.42 1.74
C SER A 872 -25.12 -3.86 0.97
N ASP A 873 -25.31 -4.89 0.17
CA ASP A 873 -24.31 -5.36 -0.81
C ASP A 873 -24.38 -4.49 -2.07
N ASP A 874 -23.23 -4.26 -2.70
CA ASP A 874 -23.14 -3.42 -3.91
C ASP A 874 -22.97 -4.21 -5.21
N GLU A 875 -23.35 -5.48 -5.18
CA GLU A 875 -23.49 -6.29 -6.41
C GLU A 875 -22.20 -6.48 -7.21
N ARG A 876 -21.07 -6.58 -6.51
CA ARG A 876 -19.78 -6.95 -7.14
C ARG A 876 -19.27 -8.30 -6.64
N GLY A 877 -20.15 -9.12 -6.08
CA GLY A 877 -19.80 -10.53 -5.78
C GLY A 877 -19.50 -10.86 -4.33
N LEU A 878 -19.33 -9.83 -3.49
CA LEU A 878 -18.99 -10.04 -2.09
C LEU A 878 -20.16 -10.69 -1.30
N GLY A 879 -21.41 -10.30 -1.64
CA GLY A 879 -22.61 -10.89 -1.00
C GLY A 879 -22.82 -10.49 0.45
N GLN A 880 -22.32 -9.32 0.85
CA GLN A 880 -22.59 -8.78 2.18
C GLN A 880 -22.29 -7.30 2.17
N GLY A 881 -22.84 -6.57 3.14
CA GLY A 881 -22.39 -5.20 3.41
C GLY A 881 -21.13 -5.17 4.26
N VAL A 882 -20.92 -4.03 4.91
CA VAL A 882 -19.80 -3.87 5.80
C VAL A 882 -20.37 -3.49 7.15
N LEU A 883 -20.46 -4.49 8.04
CA LEU A 883 -21.14 -4.34 9.34
C LEU A 883 -20.26 -4.90 10.46
N ASP A 884 -18.97 -5.06 10.21
CA ASP A 884 -17.97 -5.67 11.12
C ASP A 884 -16.95 -4.66 11.60
N ASN A 885 -17.32 -3.38 11.60
CA ASN A 885 -16.44 -2.34 12.10
C ASN A 885 -15.94 -2.59 13.49
N LYS A 886 -14.75 -2.06 13.79
CA LYS A 886 -14.17 -2.11 15.14
C LYS A 886 -13.35 -0.85 15.40
N PRO A 887 -13.18 -0.45 16.67
CA PRO A 887 -12.42 0.78 16.98
C PRO A 887 -11.06 0.78 16.34
N VAL A 888 -10.64 1.91 15.76
CA VAL A 888 -9.32 2.06 15.11
C VAL A 888 -8.74 3.40 15.50
N LEU A 889 -7.44 3.45 15.74
CA LEU A 889 -6.75 4.71 16.02
C LEU A 889 -6.01 5.19 14.75
N HIS A 890 -6.61 6.16 14.07
CA HIS A 890 -5.97 6.82 12.91
C HIS A 890 -4.98 7.88 13.35
N ILE A 891 -3.84 7.97 12.67
CA ILE A 891 -2.84 8.99 13.01
C ILE A 891 -2.48 9.87 11.82
N TYR A 892 -2.13 11.12 12.09
CA TYR A 892 -1.80 12.11 11.05
C TYR A 892 -0.79 13.13 11.53
N ARG A 893 -0.19 13.86 10.58
CA ARG A 893 0.51 15.12 10.90
C ARG A 893 -0.09 16.19 10.00
N LEU A 894 -0.18 17.43 10.54
CA LEU A 894 -0.79 18.57 9.83
C LEU A 894 0.23 19.70 9.69
N VAL A 895 0.66 19.97 8.46
CA VAL A 895 1.76 20.89 8.21
C VAL A 895 1.28 22.11 7.38
N LEU A 896 1.24 23.29 8.02
CA LEU A 896 0.93 24.56 7.34
C LEU A 896 2.25 25.26 7.09
N GLU A 897 2.49 25.68 5.84
CA GLU A 897 3.78 26.28 5.44
C GLU A 897 3.57 27.42 4.46
N LYS A 898 4.51 28.38 4.51
CA LYS A 898 4.65 29.38 3.45
C LYS A 898 5.46 28.80 2.30
N VAL A 899 4.94 28.94 1.08
CA VAL A 899 5.56 28.38 -0.11
C VAL A 899 5.92 29.41 -1.21
N ASN A 900 5.74 30.69 -0.94
CA ASN A 900 6.05 31.74 -1.94
C ASN A 900 7.51 31.74 -2.39
N ASN A 901 8.40 31.26 -1.55
CA ASN A 901 9.82 31.18 -1.89
C ASN A 901 10.30 29.86 -2.49
N CYS A 902 9.41 28.86 -2.59
CA CYS A 902 9.81 27.53 -3.07
C CYS A 902 9.86 27.49 -4.59
N VAL A 903 10.85 26.79 -5.12
CA VAL A 903 10.93 26.53 -6.56
C VAL A 903 10.01 25.34 -6.89
N ARG A 904 8.88 25.63 -7.51
CA ARG A 904 7.85 24.64 -7.77
C ARG A 904 7.76 24.34 -9.26
N PRO A 905 7.19 23.18 -9.63
CA PRO A 905 6.96 22.90 -11.04
C PRO A 905 6.06 23.96 -11.69
N SER A 906 6.19 24.12 -13.01
CA SER A 906 5.31 25.00 -13.76
C SER A 906 3.87 24.53 -13.73
N LYS A 907 2.95 25.42 -14.13
CA LYS A 907 1.53 25.12 -14.09
C LYS A 907 1.13 23.86 -14.87
N LEU A 908 1.89 23.54 -15.92
CA LEU A 908 1.57 22.38 -16.78
C LEU A 908 2.17 21.04 -16.34
N HIS A 909 3.02 21.06 -15.31
CA HIS A 909 3.65 19.83 -14.81
C HIS A 909 2.62 18.98 -14.04
N PRO A 910 2.56 17.67 -14.34
CA PRO A 910 1.57 16.81 -13.64
C PRO A 910 1.96 16.34 -12.22
N ALA A 911 3.16 16.67 -11.72
CA ALA A 911 3.60 16.25 -10.37
C ALA A 911 3.64 17.39 -9.35
N GLY A 912 3.68 17.00 -8.07
CA GLY A 912 4.05 17.94 -7.00
C GLY A 912 5.03 17.28 -6.06
N TYR A 913 5.64 18.06 -5.17
CA TYR A 913 6.69 17.55 -4.30
C TYR A 913 6.51 18.13 -2.90
N LEU A 914 6.85 17.33 -1.90
CA LEU A 914 6.85 17.77 -0.51
C LEU A 914 8.01 18.68 -0.16
N THR A 915 7.82 19.44 0.92
CA THR A 915 8.90 20.15 1.57
C THR A 915 9.62 19.21 2.55
N SER A 916 10.81 19.61 3.04
CA SER A 916 11.52 18.86 4.06
C SER A 916 10.66 18.58 5.29
N ALA A 917 9.96 19.60 5.80
CA ALA A 917 9.19 19.41 7.03
C ALA A 917 8.07 18.39 6.80
N ALA A 918 7.42 18.43 5.64
CA ALA A 918 6.34 17.48 5.38
C ALA A 918 6.86 16.02 5.20
N HIS A 919 7.98 15.88 4.51
CA HIS A 919 8.56 14.57 4.32
C HIS A 919 8.97 13.96 5.69
N LYS A 920 9.66 14.76 6.54
CA LYS A 920 10.01 14.26 7.87
C LYS A 920 8.77 13.90 8.68
N ALA A 921 7.71 14.69 8.54
CA ALA A 921 6.45 14.39 9.25
C ALA A 921 5.86 13.02 8.76
N SER A 922 5.89 12.77 7.45
CA SER A 922 5.49 11.44 6.97
C SER A 922 6.35 10.30 7.57
N GLN A 923 7.66 10.46 7.59
CA GLN A 923 8.55 9.44 8.16
C GLN A 923 8.23 9.23 9.66
N SER A 924 7.82 10.32 10.37
CA SER A 924 7.49 10.16 11.80
C SER A 924 6.28 9.23 12.01
N LEU A 925 5.38 9.19 11.03
CA LEU A 925 4.17 8.34 11.08
C LEU A 925 4.46 6.89 10.65
N LEU A 926 5.25 6.76 9.58
CA LEU A 926 5.44 5.43 8.97
C LEU A 926 6.58 4.63 9.57
N ASP A 927 7.64 5.33 9.98
CA ASP A 927 8.85 4.67 10.51
C ASP A 927 9.37 5.39 11.78
N PRO A 928 8.54 5.37 12.84
CA PRO A 928 8.93 6.00 14.13
C PRO A 928 10.08 5.25 14.77
N LEU A 929 10.67 5.78 15.85
CA LEU A 929 11.57 4.99 16.66
C LEU A 929 10.85 3.78 17.21
N ASP A 930 11.55 2.65 17.30
CA ASP A 930 11.03 1.46 18.02
C ASP A 930 11.53 1.50 19.47
N LYS A 931 10.68 1.03 20.39
CA LYS A 931 10.97 1.11 21.82
C LYS A 931 10.98 -0.26 22.46
N PHE A 932 12.02 -0.55 23.23
CA PHE A 932 12.21 -1.87 23.86
C PHE A 932 12.39 -1.74 25.40
N ILE A 933 11.70 -2.54 26.19
CA ILE A 933 11.83 -2.47 27.66
C ILE A 933 12.54 -3.75 28.10
N PHE A 934 13.68 -3.64 28.81
CA PHE A 934 14.37 -4.85 29.26
C PHE A 934 13.47 -5.65 30.22
N ALA A 935 13.32 -6.96 29.99
CA ALA A 935 12.33 -7.73 30.71
C ALA A 935 12.75 -8.17 32.13
N GLU A 936 14.01 -8.53 32.34
CA GLU A 936 14.50 -9.04 33.64
C GLU A 936 14.94 -7.86 34.54
N ASN A 937 15.39 -8.18 35.77
CA ASN A 937 15.80 -7.14 36.71
C ASN A 937 17.11 -6.47 36.38
N GLU A 938 18.09 -7.24 35.90
CA GLU A 938 19.43 -6.74 35.60
C GLU A 938 19.93 -7.21 34.24
N TRP A 939 20.42 -6.28 33.45
CA TRP A 939 21.01 -6.62 32.13
C TRP A 939 22.53 -6.61 32.26
N ILE A 940 23.11 -7.80 32.36
CA ILE A 940 24.57 -7.92 32.58
C ILE A 940 25.26 -7.67 31.24
N GLY A 941 26.23 -6.75 31.22
CA GLY A 941 27.03 -6.45 30.01
C GLY A 941 26.42 -5.40 29.08
N ALA A 942 25.40 -4.66 29.56
CA ALA A 942 24.68 -3.68 28.73
C ALA A 942 25.61 -2.60 28.18
N GLN A 943 25.38 -2.16 26.93
CA GLN A 943 26.12 -1.07 26.28
C GLN A 943 25.20 0.08 25.91
N GLY A 944 25.74 1.27 25.73
CA GLY A 944 24.96 2.48 25.63
C GLY A 944 24.46 2.83 24.24
N GLN A 945 25.12 2.33 23.20
CA GLN A 945 24.82 2.80 21.83
C GLN A 945 25.33 1.79 20.80
N PHE A 946 24.63 1.73 19.65
CA PHE A 946 25.10 0.98 18.47
C PHE A 946 24.92 1.88 17.25
N GLY A 947 25.89 1.92 16.33
CA GLY A 947 25.75 2.69 15.11
C GLY A 947 26.25 4.12 15.14
N GLY A 948 26.96 4.53 16.22
CA GLY A 948 27.48 5.90 16.27
C GLY A 948 28.41 6.25 15.10
N ASP A 949 29.03 5.23 14.50
CA ASP A 949 29.89 5.46 13.35
C ASP A 949 29.21 5.25 11.98
N HIS A 950 27.90 5.02 11.96
CA HIS A 950 27.17 4.92 10.68
C HIS A 950 27.04 6.31 10.02
N PRO A 951 27.22 6.41 8.69
CA PRO A 951 27.06 7.73 8.06
C PRO A 951 25.64 8.32 8.21
N SER A 952 25.53 9.63 8.36
CA SER A 952 24.24 10.27 8.50
C SER A 952 23.95 10.88 7.15
N ALA A 953 23.12 10.21 6.34
CA ALA A 953 22.90 10.58 4.95
C ALA A 953 21.99 11.78 4.80
N ARG A 954 22.06 12.42 3.62
CA ARG A 954 21.21 13.55 3.32
C ARG A 954 19.74 13.14 3.53
N GLU A 955 18.91 14.11 3.91
CA GLU A 955 17.56 13.86 4.42
C GLU A 955 16.64 13.23 3.38
N ASP A 956 16.88 13.45 2.09
CA ASP A 956 15.98 12.88 1.04
C ASP A 956 16.33 11.42 0.68
N LEU A 957 17.36 10.86 1.30
CA LEU A 957 17.79 9.48 0.99
C LEU A 957 17.27 8.54 2.09
N ASP A 958 16.75 7.36 1.70
CA ASP A 958 16.38 6.33 2.64
C ASP A 958 16.97 4.99 2.24
N VAL A 959 17.31 4.18 3.25
CA VAL A 959 17.60 2.74 3.06
C VAL A 959 16.27 2.02 3.30
N SER A 960 15.50 1.86 2.22
CA SER A 960 14.14 1.30 2.30
C SER A 960 14.14 -0.15 2.77
N VAL A 961 15.16 -0.91 2.34
CA VAL A 961 15.34 -2.33 2.69
C VAL A 961 16.84 -2.59 3.00
N MET A 962 17.10 -3.29 4.11
CA MET A 962 18.38 -3.93 4.35
C MET A 962 18.04 -5.38 4.71
N ARG A 963 18.60 -6.33 3.96
CA ARG A 963 18.26 -7.76 4.10
C ARG A 963 19.47 -8.67 3.87
N ARG A 964 19.87 -9.47 4.87
CA ARG A 964 20.91 -10.46 4.58
C ARG A 964 20.30 -11.56 3.72
N LEU A 965 21.02 -11.91 2.66
CA LEU A 965 20.49 -12.84 1.62
C LEU A 965 21.00 -14.28 1.73
N THR A 966 21.98 -14.47 2.62
CA THR A 966 22.65 -15.77 2.84
C THR A 966 22.44 -16.28 4.26
N LYS A 967 22.35 -17.60 4.40
CA LYS A 967 22.33 -18.25 5.70
C LYS A 967 23.78 -18.44 6.21
N SER A 968 23.93 -18.89 7.46
CA SER A 968 25.24 -18.85 8.14
C SER A 968 26.28 -19.80 7.51
N SER A 969 25.81 -20.85 6.82
CA SER A 969 26.75 -21.83 6.21
C SER A 969 27.45 -21.33 4.93
N ALA A 970 27.01 -20.21 4.36
CA ALA A 970 27.63 -19.66 3.13
C ALA A 970 28.98 -19.03 3.41
N LYS A 971 30.00 -19.51 2.67
CA LYS A 971 31.34 -18.96 2.78
C LYS A 971 31.37 -17.46 2.47
N THR A 972 30.70 -17.07 1.39
CA THR A 972 30.58 -15.66 1.02
C THR A 972 29.21 -15.13 1.46
N GLN A 973 29.19 -14.26 2.47
CA GLN A 973 27.93 -13.63 2.89
C GLN A 973 27.51 -12.53 1.94
N ARG A 974 26.20 -12.36 1.77
CA ARG A 974 25.66 -11.32 0.88
C ARG A 974 24.56 -10.55 1.57
N VAL A 975 24.62 -9.22 1.46
CA VAL A 975 23.60 -8.33 2.06
C VAL A 975 23.05 -7.42 0.98
N GLY A 976 21.72 -7.36 0.90
CA GLY A 976 21.03 -6.54 -0.08
C GLY A 976 20.44 -5.27 0.51
N TYR A 977 20.53 -4.19 -0.25
CA TYR A 977 20.05 -2.87 0.13
C TYR A 977 19.18 -2.32 -1.01
N VAL A 978 18.02 -1.75 -0.65
CA VAL A 978 17.24 -0.93 -1.58
C VAL A 978 17.36 0.52 -1.13
N LEU A 979 17.87 1.39 -2.01
CA LEU A 979 18.09 2.82 -1.68
C LEU A 979 17.10 3.64 -2.50
N HIS A 980 16.37 4.52 -1.83
CA HIS A 980 15.37 5.38 -2.48
C HIS A 980 15.68 6.85 -2.20
N ARG A 981 15.75 7.71 -3.22
CA ARG A 981 15.88 9.17 -2.99
C ARG A 981 14.62 9.82 -3.46
N THR A 982 13.93 10.50 -2.56
CA THR A 982 12.75 11.29 -2.95
C THR A 982 13.23 12.63 -3.53
N ASN A 983 12.30 13.54 -3.82
CA ASN A 983 12.67 14.89 -4.26
C ASN A 983 11.89 15.88 -3.42
N LEU A 984 12.64 16.73 -2.74
CA LEU A 984 12.10 17.77 -1.85
C LEU A 984 12.27 19.15 -2.46
N MET A 985 11.31 20.03 -2.22
CA MET A 985 11.39 21.41 -2.79
C MET A 985 12.53 22.21 -2.21
N GLN A 986 13.15 23.00 -3.08
CA GLN A 986 14.12 23.98 -2.61
C GLN A 986 13.35 25.22 -2.21
N CYS A 987 13.40 25.57 -0.93
CA CYS A 987 12.70 26.75 -0.44
C CYS A 987 13.57 27.75 0.32
N GLY A 988 14.87 27.74 0.06
CA GLY A 988 15.75 28.74 0.66
C GLY A 988 16.35 28.42 2.01
N THR A 989 16.30 27.16 2.41
CA THR A 989 17.01 26.74 3.61
C THR A 989 18.39 26.23 3.23
N PRO A 990 19.45 26.85 3.81
CA PRO A 990 20.81 26.40 3.54
C PRO A 990 20.95 24.91 3.80
N GLU A 991 21.56 24.22 2.84
CA GLU A 991 21.87 22.80 3.00
C GLU A 991 23.11 22.67 3.86
N GLU A 992 23.02 21.87 4.92
CA GLU A 992 24.19 21.60 5.74
C GLU A 992 24.98 20.45 5.13
N HIS A 993 26.19 20.24 5.63
CA HIS A 993 26.97 19.09 5.23
C HIS A 993 26.43 17.83 5.89
N THR A 994 26.36 16.77 5.10
CA THR A 994 25.99 15.43 5.55
C THR A 994 27.07 14.51 4.98
N GLN A 995 27.06 13.24 5.37
CA GLN A 995 28.06 12.31 4.85
C GLN A 995 27.50 11.45 3.72
N LYS A 996 28.37 11.11 2.78
CA LYS A 996 28.04 10.15 1.72
C LYS A 996 27.75 8.79 2.35
N LEU A 997 26.65 8.19 1.90
CA LEU A 997 26.31 6.86 2.36
C LEU A 997 26.69 5.86 1.28
N ASP A 998 27.63 4.99 1.62
CA ASP A 998 28.03 3.87 0.77
C ASP A 998 27.58 2.55 1.43
N VAL A 999 26.45 2.03 0.98
CA VAL A 999 25.92 0.84 1.66
C VAL A 999 26.85 -0.38 1.60
N CYS A 1000 27.71 -0.43 0.59
CA CYS A 1000 28.59 -1.60 0.45
C CYS A 1000 29.69 -1.70 1.51
N HIS A 1001 29.95 -0.58 2.20
CA HIS A 1001 30.94 -0.57 3.29
C HIS A 1001 30.30 -0.48 4.68
N LEU A 1002 28.99 -0.69 4.77
CA LEU A 1002 28.34 -0.74 6.10
C LEU A 1002 28.74 -1.95 6.95
N LEU A 1003 28.96 -3.11 6.30
CA LEU A 1003 29.52 -4.29 6.95
C LEU A 1003 31.01 -4.42 6.57
N PRO A 1004 31.83 -4.95 7.49
CA PRO A 1004 33.26 -5.04 7.22
C PRO A 1004 33.63 -6.16 6.26
N ASN A 1005 34.88 -6.13 5.80
CA ASN A 1005 35.45 -7.16 4.93
C ASN A 1005 34.69 -7.34 3.61
N VAL A 1006 34.31 -6.23 2.99
CA VAL A 1006 33.65 -6.28 1.67
C VAL A 1006 34.66 -6.77 0.60
N ALA A 1007 34.21 -7.73 -0.22
CA ALA A 1007 34.99 -8.33 -1.31
C ALA A 1007 34.42 -7.99 -2.69
N ARG A 1008 33.14 -7.59 -2.75
CA ARG A 1008 32.48 -7.25 -4.02
C ARG A 1008 31.26 -6.38 -3.72
N CYS A 1009 30.91 -5.48 -4.64
CA CYS A 1009 29.66 -4.69 -4.58
C CYS A 1009 29.06 -4.69 -5.99
N GLU A 1010 27.79 -5.07 -6.09
CA GLU A 1010 27.09 -5.15 -7.36
C GLU A 1010 25.80 -4.33 -7.30
N ARG A 1011 25.48 -3.64 -8.38
CA ARG A 1011 24.13 -3.10 -8.55
C ARG A 1011 23.25 -4.22 -9.11
N THR A 1012 22.04 -4.41 -8.55
CA THR A 1012 21.12 -5.46 -8.98
C THR A 1012 19.74 -4.91 -9.35
N THR A 1013 18.91 -5.74 -9.95
CA THR A 1013 17.47 -5.50 -9.98
C THR A 1013 16.92 -5.35 -8.54
N LEU A 1014 15.74 -4.75 -8.43
CA LEU A 1014 15.22 -4.41 -7.08
C LEU A 1014 14.85 -5.62 -6.22
N THR A 1015 14.65 -6.77 -6.89
CA THR A 1015 14.39 -8.07 -6.27
C THR A 1015 15.67 -8.81 -5.85
N PHE A 1016 16.85 -8.23 -6.17
CA PHE A 1016 18.18 -8.80 -5.90
C PHE A 1016 18.50 -10.01 -6.79
N LEU A 1017 17.70 -10.31 -7.81
CA LEU A 1017 17.85 -11.62 -8.53
C LEU A 1017 18.80 -11.57 -9.70
N GLN A 1018 19.14 -10.39 -10.23
CA GLN A 1018 20.07 -10.29 -11.36
C GLN A 1018 21.12 -9.21 -11.13
N ASN A 1019 22.40 -9.52 -11.33
CA ASN A 1019 23.48 -8.54 -11.21
C ASN A 1019 23.55 -7.70 -12.48
N LEU A 1020 23.50 -6.38 -12.35
CA LEU A 1020 23.51 -5.47 -13.49
C LEU A 1020 24.84 -4.72 -13.70
N GLU A 1021 25.61 -4.51 -12.64
CA GLU A 1021 26.87 -3.77 -12.71
C GLU A 1021 27.83 -4.18 -11.60
N HIS A 1022 29.09 -4.42 -11.97
CA HIS A 1022 30.14 -4.72 -11.00
C HIS A 1022 30.81 -3.39 -10.65
N LEU A 1023 30.79 -3.01 -9.37
CA LEU A 1023 31.09 -1.63 -9.01
C LEU A 1023 32.55 -1.38 -8.63
N ASP A 1024 33.11 -0.35 -9.23
CA ASP A 1024 34.49 0.06 -9.01
C ASP A 1024 34.75 0.43 -7.55
N GLY A 1025 35.82 -0.16 -7.01
CA GLY A 1025 36.27 0.11 -5.66
C GLY A 1025 35.32 -0.38 -4.59
N MET A 1026 34.36 -1.21 -4.99
CA MET A 1026 33.34 -1.74 -4.08
C MET A 1026 32.50 -0.62 -3.42
N VAL A 1027 32.29 0.45 -4.17
CA VAL A 1027 31.51 1.58 -3.68
C VAL A 1027 30.16 1.67 -4.40
N ALA A 1028 29.09 1.76 -3.60
CA ALA A 1028 27.74 1.86 -4.14
C ALA A 1028 27.38 3.31 -4.20
N PRO A 1029 27.23 3.86 -5.41
CA PRO A 1029 26.89 5.29 -5.55
C PRO A 1029 25.49 5.63 -5.04
N GLU A 1030 25.31 6.86 -4.55
CA GLU A 1030 23.97 7.33 -4.23
C GLU A 1030 23.15 7.54 -5.52
N VAL A 1031 21.84 7.49 -5.37
CA VAL A 1031 20.91 7.57 -6.48
C VAL A 1031 20.40 8.99 -6.71
N CYS A 1032 19.83 9.23 -7.87
CA CYS A 1032 19.27 10.52 -8.26
C CYS A 1032 17.89 10.75 -7.62
N PRO A 1033 17.43 12.02 -7.54
CA PRO A 1033 16.06 12.29 -7.05
C PRO A 1033 15.01 11.47 -7.83
N MET A 1034 14.10 10.88 -7.08
CA MET A 1034 13.00 10.04 -7.59
C MET A 1034 13.43 8.66 -8.10
N GLU A 1035 14.70 8.32 -7.92
CA GLU A 1035 15.17 7.00 -8.34
C GLU A 1035 15.31 6.07 -7.14
N THR A 1036 15.26 4.78 -7.44
CA THR A 1036 15.40 3.67 -6.49
C THR A 1036 16.41 2.70 -7.14
N ALA A 1037 17.44 2.31 -6.38
CA ALA A 1037 18.46 1.33 -6.81
C ALA A 1037 18.63 0.25 -5.77
N ALA A 1038 19.14 -0.89 -6.18
CA ALA A 1038 19.47 -1.96 -5.28
C ALA A 1038 20.94 -2.34 -5.43
N TYR A 1039 21.53 -2.69 -4.29
CA TYR A 1039 22.94 -3.10 -4.27
C TYR A 1039 23.07 -4.32 -3.40
N VAL A 1040 24.02 -5.20 -3.74
CA VAL A 1040 24.36 -6.36 -2.90
C VAL A 1040 25.85 -6.31 -2.63
N SER A 1041 26.21 -6.32 -1.34
CA SER A 1041 27.61 -6.43 -0.92
C SER A 1041 27.92 -7.88 -0.54
N SER A 1042 29.12 -8.33 -0.93
CA SER A 1042 29.61 -9.69 -0.62
C SER A 1042 30.79 -9.54 0.36
N HIS A 1043 30.84 -10.42 1.36
CA HIS A 1043 31.81 -10.32 2.46
C HIS A 1043 32.47 -11.67 2.74
N SER A 1044 33.78 -11.63 2.92
CA SER A 1044 34.51 -12.83 3.33
C SER A 1044 34.18 -13.21 4.77
N SER A 1045 33.70 -14.44 5.04
CA SER A 1045 33.33 -14.84 6.44
C SER A 1045 34.21 -15.94 7.06
C1 NAG B . 18.45 -22.21 -15.55
C2 NAG B . 19.01 -23.57 -15.96
C3 NAG B . 20.24 -23.37 -16.82
C4 NAG B . 19.83 -22.58 -18.05
C5 NAG B . 19.19 -21.26 -17.63
C6 NAG B . 18.62 -20.53 -18.85
C7 NAG B . 19.21 -25.44 -14.61
C8 NAG B . 18.46 -26.14 -15.73
N2 NAG B . 19.47 -24.22 -14.74
O3 NAG B . 20.70 -24.65 -17.27
O4 NAG B . 20.94 -22.38 -18.93
O5 NAG B . 18.11 -21.49 -16.73
O6 NAG B . 17.75 -21.42 -19.55
ZN ZN C . -9.68 -11.18 -8.12
C1 MRD D . -22.98 -3.61 -17.94
C2 MRD D . -22.66 -3.41 -19.43
O2 MRD D . -23.64 -2.48 -19.91
CM MRD D . -21.28 -2.77 -19.57
C3 MRD D . -22.84 -4.69 -20.28
C4 MRD D . -21.85 -5.87 -20.14
O4 MRD D . -21.67 -6.49 -21.45
C5 MRD D . -22.34 -6.92 -19.13
O8 HN5 E . -13.33 -8.35 -5.27
C8 HN5 E . -13.13 -8.44 -6.70
C8A HN5 E . -13.43 -9.86 -7.17
N4 HN5 E . -13.41 -9.92 -8.65
C3 HN5 E . -13.55 -11.37 -8.94
C2 HN5 E . -12.69 -12.03 -7.82
O2 HN5 E . -11.45 -12.42 -8.39
C1 HN5 E . -12.48 -10.97 -6.72
O1 HN5 E . -11.11 -10.50 -6.56
C7 HN5 E . -14.03 -7.42 -7.42
C6 HN5 E . -14.02 -7.57 -8.94
C5 HN5 E . -14.39 -9.00 -9.32
C9 HN5 E . -15.88 -9.33 -9.06
C10 HN5 E . -16.52 -10.35 -10.02
C11 HN5 E . -18.03 -10.51 -9.83
C16 HN5 E . -18.51 -11.78 -9.51
C15 HN5 E . -19.90 -12.00 -9.35
C14 HN5 E . -20.82 -10.94 -9.45
C17 HN5 E . -22.31 -11.19 -9.27
C20 HN5 E . -22.92 -10.13 -8.36
C19 HN5 E . -22.60 -12.58 -8.73
C18 HN5 E . -22.93 -11.07 -10.66
C13 HN5 E . -20.36 -9.54 -9.81
C12 HN5 E . -18.89 -9.42 -9.98
#